data_2MMQ
# 
_entry.id   2MMQ 
# 
_audit_conform.dict_name       mmcif_pdbx.dic 
_audit_conform.dict_version    5.391 
_audit_conform.dict_location   http://mmcif.pdb.org/dictionaries/ascii/mmcif_pdbx.dic 
# 
loop_
_database_2.database_id 
_database_2.database_code 
_database_2.pdbx_database_accession 
_database_2.pdbx_DOI 
PDB   2MMQ         pdb_00002mmq 10.2210/pdb2mmq/pdb 
RCSB  RCSB103799   ?            ?                   
BMRB  19861        ?            10.13018/BMR19861   
WWPDB D_1000103799 ?            ?                   
# 
loop_
_pdbx_audit_revision_history.ordinal 
_pdbx_audit_revision_history.data_content_type 
_pdbx_audit_revision_history.major_revision 
_pdbx_audit_revision_history.minor_revision 
_pdbx_audit_revision_history.revision_date 
1 'Structure model' 1 0 2015-02-25 
2 'Structure model' 1 1 2015-12-23 
3 'Structure model' 1 2 2024-05-01 
# 
_pdbx_audit_revision_details.ordinal             1 
_pdbx_audit_revision_details.revision_ordinal    1 
_pdbx_audit_revision_details.data_content_type   'Structure model' 
_pdbx_audit_revision_details.provider            repository 
_pdbx_audit_revision_details.type                'Initial release' 
_pdbx_audit_revision_details.description         ? 
_pdbx_audit_revision_details.details             ? 
# 
loop_
_pdbx_audit_revision_group.ordinal 
_pdbx_audit_revision_group.revision_ordinal 
_pdbx_audit_revision_group.data_content_type 
_pdbx_audit_revision_group.group 
1 2 'Structure model' 'Database references'  
2 3 'Structure model' 'Data collection'      
3 3 'Structure model' 'Database references'  
4 3 'Structure model' 'Derived calculations' 
# 
loop_
_pdbx_audit_revision_category.ordinal 
_pdbx_audit_revision_category.revision_ordinal 
_pdbx_audit_revision_category.data_content_type 
_pdbx_audit_revision_category.category 
1 3 'Structure model' chem_comp_atom        
2 3 'Structure model' chem_comp_bond        
3 3 'Structure model' database_2            
4 3 'Structure model' pdbx_nmr_software     
5 3 'Structure model' pdbx_nmr_spectrometer 
6 3 'Structure model' struct_conn           
# 
loop_
_pdbx_audit_revision_item.ordinal 
_pdbx_audit_revision_item.revision_ordinal 
_pdbx_audit_revision_item.data_content_type 
_pdbx_audit_revision_item.item 
1  3 'Structure model' '_database_2.pdbx_DOI'                
2  3 'Structure model' '_database_2.pdbx_database_accession' 
3  3 'Structure model' '_pdbx_nmr_software.name'             
4  3 'Structure model' '_pdbx_nmr_spectrometer.model'        
5  3 'Structure model' '_struct_conn.pdbx_leaving_atom_flag' 
6  3 'Structure model' '_struct_conn.ptnr1_auth_comp_id'     
7  3 'Structure model' '_struct_conn.ptnr1_auth_seq_id'      
8  3 'Structure model' '_struct_conn.ptnr1_label_atom_id'    
9  3 'Structure model' '_struct_conn.ptnr1_label_comp_id'    
10 3 'Structure model' '_struct_conn.ptnr1_label_seq_id'     
11 3 'Structure model' '_struct_conn.ptnr2_auth_comp_id'     
12 3 'Structure model' '_struct_conn.ptnr2_auth_seq_id'      
13 3 'Structure model' '_struct_conn.ptnr2_label_atom_id'    
14 3 'Structure model' '_struct_conn.ptnr2_label_comp_id'    
15 3 'Structure model' '_struct_conn.ptnr2_label_seq_id'     
# 
_pdbx_database_status.deposit_site                    BMRB 
_pdbx_database_status.entry_id                        2MMQ 
_pdbx_database_status.process_site                    RCSB 
_pdbx_database_status.recvd_initial_deposition_date   2014-03-17 
_pdbx_database_status.SG_entry                        ? 
_pdbx_database_status.status_code                     REL 
_pdbx_database_status.status_code_mr                  REL 
_pdbx_database_status.status_code_sf                  ? 
_pdbx_database_status.status_code_cs                  REL 
_pdbx_database_status.methods_development_category    ? 
_pdbx_database_status.pdb_format_compatible           Y 
_pdbx_database_status.status_code_nmr_data            ? 
# 
_pdbx_database_related.db_id          19861 
_pdbx_database_related.db_name        BMRB 
_pdbx_database_related.content_type   unspecified 
_pdbx_database_related.details        . 
# 
loop_
_audit_author.name 
_audit_author.pdbx_ordinal 
'Li, L.'    1 
'Stone, M.' 2 
# 
_citation.id                        primary 
_citation.title                     
;DNA Sequence Modulates Geometrical Isomerism of the trans-8,9-Dihydro-8-(2,6-diamino-4-oxo-3,4-dihydropyrimid-5-yl-formamido)-9-hydroxy Aflatoxin B1 Adduct.
;
_citation.journal_abbrev            Chem.Res.Toxicol. 
_citation.journal_volume            28 
_citation.page_first                225 
_citation.page_last                 237 
_citation.year                      2015 
_citation.journal_id_ASTM           CRTOEC 
_citation.country                   US 
_citation.journal_id_ISSN           0893-228X 
_citation.journal_id_CSD            2140 
_citation.book_publisher            ? 
_citation.pdbx_database_id_PubMed   25587868 
_citation.pdbx_database_id_DOI      10.1021/tx5003832 
# 
loop_
_citation_author.citation_id 
_citation_author.name 
_citation_author.ordinal 
_citation_author.identifier_ORCID 
primary 'Li, L.'      1 ? 
primary 'Brown, K.L.' 2 ? 
primary 'Ma, R.'      3 ? 
primary 'Stone, M.P.' 4 ? 
# 
loop_
_entity.id 
_entity.type 
_entity.src_method 
_entity.pdbx_description 
_entity.formula_weight 
_entity.pdbx_number_of_molecules 
_entity.pdbx_ec 
_entity.pdbx_mutation 
_entity.pdbx_fragment 
_entity.details 
1 polymer syn "DNA_(5'-D(*CP*TP*AP*AP*(FAG)P*TP*TP*TP*CP*A)-3')" 3365.292 1 ? ? ? ? 
2 polymer syn "DNA_(5'-D(*TP*GP*AP*AP*AP*CP*TP*TP*AP*G)-3')"     3068.042 1 ? ? ? ? 
# 
loop_
_entity_poly.entity_id 
_entity_poly.type 
_entity_poly.nstd_linkage 
_entity_poly.nstd_monomer 
_entity_poly.pdbx_seq_one_letter_code 
_entity_poly.pdbx_seq_one_letter_code_can 
_entity_poly.pdbx_strand_id 
_entity_poly.pdbx_target_identifier 
1 polydeoxyribonucleotide no yes '(DC)(DT)(DA)(DA)(FAG)(DT)(DT)(DT)(DC)(DA)' CTAANTTTCA A ? 
2 polydeoxyribonucleotide no no  '(DT)(DG)(DA)(DA)(DA)(DC)(DT)(DT)(DA)(DG)'  TGAAACTTAG B ? 
# 
loop_
_entity_poly_seq.entity_id 
_entity_poly_seq.num 
_entity_poly_seq.mon_id 
_entity_poly_seq.hetero 
1 1  DC  n 
1 2  DT  n 
1 3  DA  n 
1 4  DA  n 
1 5  FAG n 
1 6  DT  n 
1 7  DT  n 
1 8  DT  n 
1 9  DC  n 
1 10 DA  n 
2 1  DT  n 
2 2  DG  n 
2 3  DA  n 
2 4  DA  n 
2 5  DA  n 
2 6  DC  n 
2 7  DT  n 
2 8  DT  n 
2 9  DA  n 
2 10 DG  n 
# 
loop_
_chem_comp.id 
_chem_comp.type 
_chem_comp.mon_nstd_flag 
_chem_comp.name 
_chem_comp.pdbx_synonyms 
_chem_comp.formula 
_chem_comp.formula_weight 
DA  'DNA linking' y "2'-DEOXYADENOSINE-5'-MONOPHOSPHATE" ? 'C10 H14 N5 O6 P'  331.222 
DC  'DNA linking' y "2'-DEOXYCYTIDINE-5'-MONOPHOSPHATE" ? 'C9 H14 N3 O7 P'   307.197 
DG  'DNA linking' y "2'-DEOXYGUANOSINE-5'-MONOPHOSPHATE" ? 'C10 H14 N5 O7 P'  347.221 
DT  'DNA linking' y "THYMIDINE-5'-MONOPHOSPHATE" ? 'C10 H15 N2 O8 P'  322.208 
FAG 'DNA linking' . 
;[1',2'-DIDEOXY[2-AMINO-5-([9-HYDROXY-AFLATOXINB2-8-YL]-FORMYL-AMINO)-6-OXO-1,6-IHYDRO-PYRIMIDIN-4-YLAMINO]-RIBOFURANOSE]-5-MONOPHOSPHATE GROUP
;
? 'C27 H28 N5 O15 P' 693.509 
# 
loop_
_pdbx_poly_seq_scheme.asym_id 
_pdbx_poly_seq_scheme.entity_id 
_pdbx_poly_seq_scheme.seq_id 
_pdbx_poly_seq_scheme.mon_id 
_pdbx_poly_seq_scheme.ndb_seq_num 
_pdbx_poly_seq_scheme.pdb_seq_num 
_pdbx_poly_seq_scheme.auth_seq_num 
_pdbx_poly_seq_scheme.pdb_mon_id 
_pdbx_poly_seq_scheme.auth_mon_id 
_pdbx_poly_seq_scheme.pdb_strand_id 
_pdbx_poly_seq_scheme.pdb_ins_code 
_pdbx_poly_seq_scheme.hetero 
A 1 1  DC  1  1  1  DC  DC  A . n 
A 1 2  DT  2  2  2  DT  DT  A . n 
A 1 3  DA  3  3  3  DA  DA  A . n 
A 1 4  DA  4  4  4  DA  DA  A . n 
A 1 5  FAG 5  5  5  FAG FAG A . n 
A 1 6  DT  6  6  6  DT  DT  A . n 
A 1 7  DT  7  7  7  DT  DT  A . n 
A 1 8  DT  8  8  8  DT  DT  A . n 
A 1 9  DC  9  9  9  DC  DC  A . n 
A 1 10 DA  10 10 10 DA  DA  A . n 
B 2 1  DT  1  11 11 DT  DT  B . n 
B 2 2  DG  2  12 12 DG  DG  B . n 
B 2 3  DA  3  13 13 DA  DA  B . n 
B 2 4  DA  4  14 14 DA  DA  B . n 
B 2 5  DA  5  15 15 DA  DA  B . n 
B 2 6  DC  6  16 16 DC  DC  B . n 
B 2 7  DT  7  17 17 DT  DT  B . n 
B 2 8  DT  8  18 18 DT  DT  B . n 
B 2 9  DA  9  19 19 DA  DA  B . n 
B 2 10 DG  10 20 20 DG  DG  B . n 
# 
_exptl.absorpt_coefficient_mu     ? 
_exptl.absorpt_correction_T_max   ? 
_exptl.absorpt_correction_T_min   ? 
_exptl.absorpt_correction_type    ? 
_exptl.absorpt_process_details    ? 
_exptl.crystals_number            ? 
_exptl.details                    ? 
_exptl.entry_id                   2MMQ 
_exptl.method                     'SOLUTION NMR' 
_exptl.method_details             ? 
# 
_struct.entry_id                  2MMQ 
_struct.title                     'Solution structure of AGT FAPY Modified duplex' 
_struct.pdbx_model_details        'closest to the average, model1' 
_struct.pdbx_CASP_flag            ? 
_struct.pdbx_model_type_details   ? 
# 
_struct_keywords.entry_id        2MMQ 
_struct_keywords.pdbx_keywords   DNA 
_struct_keywords.text            
;Aflatoxin B1, FAPY, FORMAMIDOPYRIMIDINE, INTERCALATION, DNA ADDUCT, DEOXYRIBONUCLEIC ACID, HYDROGEN BOND, SEQUENCE DEPENDENCE, AGT, DNA
;
# 
loop_
_struct_asym.id 
_struct_asym.pdbx_blank_PDB_chainid_flag 
_struct_asym.pdbx_modified 
_struct_asym.entity_id 
_struct_asym.details 
A N N 1 ? 
B N N 2 ? 
# 
loop_
_struct_ref.id 
_struct_ref.db_name 
_struct_ref.db_code 
_struct_ref.pdbx_db_accession 
_struct_ref.entity_id 
_struct_ref.pdbx_align_begin 
_struct_ref.pdbx_seq_one_letter_code 
_struct_ref.pdbx_db_isoform 
1 PDB 2MMQ 2MMQ 1 ? ? ? 
2 PDB 2MMQ 2MMQ 2 ? ? ? 
# 
loop_
_struct_ref_seq.align_id 
_struct_ref_seq.ref_id 
_struct_ref_seq.pdbx_PDB_id_code 
_struct_ref_seq.pdbx_strand_id 
_struct_ref_seq.seq_align_beg 
_struct_ref_seq.pdbx_seq_align_beg_ins_code 
_struct_ref_seq.seq_align_end 
_struct_ref_seq.pdbx_seq_align_end_ins_code 
_struct_ref_seq.pdbx_db_accession 
_struct_ref_seq.db_align_beg 
_struct_ref_seq.pdbx_db_align_beg_ins_code 
_struct_ref_seq.db_align_end 
_struct_ref_seq.pdbx_db_align_end_ins_code 
_struct_ref_seq.pdbx_auth_seq_align_beg 
_struct_ref_seq.pdbx_auth_seq_align_end 
1 1 2MMQ A 1 ? 10 ? 2MMQ 1  ? 10 ? 1  10 
2 2 2MMQ B 1 ? 10 ? 2MMQ 11 ? 20 ? 11 20 
# 
_pdbx_struct_assembly.id                   1 
_pdbx_struct_assembly.details              author_defined_assembly 
_pdbx_struct_assembly.method_details       ? 
_pdbx_struct_assembly.oligomeric_details   dimeric 
_pdbx_struct_assembly.oligomeric_count     2 
# 
_pdbx_struct_assembly_gen.assembly_id       1 
_pdbx_struct_assembly_gen.oper_expression   1 
_pdbx_struct_assembly_gen.asym_id_list      A,B 
# 
_pdbx_struct_oper_list.id                   1 
_pdbx_struct_oper_list.type                 'identity operation' 
_pdbx_struct_oper_list.name                 1_555 
_pdbx_struct_oper_list.symmetry_operation   x,y,z 
_pdbx_struct_oper_list.matrix[1][1]         1.0000000000 
_pdbx_struct_oper_list.matrix[1][2]         0.0000000000 
_pdbx_struct_oper_list.matrix[1][3]         0.0000000000 
_pdbx_struct_oper_list.vector[1]            0.0000000000 
_pdbx_struct_oper_list.matrix[2][1]         0.0000000000 
_pdbx_struct_oper_list.matrix[2][2]         1.0000000000 
_pdbx_struct_oper_list.matrix[2][3]         0.0000000000 
_pdbx_struct_oper_list.vector[2]            0.0000000000 
_pdbx_struct_oper_list.matrix[3][1]         0.0000000000 
_pdbx_struct_oper_list.matrix[3][2]         0.0000000000 
_pdbx_struct_oper_list.matrix[3][3]         1.0000000000 
_pdbx_struct_oper_list.vector[3]            0.0000000000 
# 
_struct_biol.id        1 
_struct_biol.details   ? 
# 
loop_
_struct_conn.id 
_struct_conn.conn_type_id 
_struct_conn.pdbx_leaving_atom_flag 
_struct_conn.pdbx_PDB_id 
_struct_conn.ptnr1_label_asym_id 
_struct_conn.ptnr1_label_comp_id 
_struct_conn.ptnr1_label_seq_id 
_struct_conn.ptnr1_label_atom_id 
_struct_conn.pdbx_ptnr1_label_alt_id 
_struct_conn.pdbx_ptnr1_PDB_ins_code 
_struct_conn.pdbx_ptnr1_standard_comp_id 
_struct_conn.ptnr1_symmetry 
_struct_conn.ptnr2_label_asym_id 
_struct_conn.ptnr2_label_comp_id 
_struct_conn.ptnr2_label_seq_id 
_struct_conn.ptnr2_label_atom_id 
_struct_conn.pdbx_ptnr2_label_alt_id 
_struct_conn.pdbx_ptnr2_PDB_ins_code 
_struct_conn.ptnr1_auth_asym_id 
_struct_conn.ptnr1_auth_comp_id 
_struct_conn.ptnr1_auth_seq_id 
_struct_conn.ptnr2_auth_asym_id 
_struct_conn.ptnr2_auth_comp_id 
_struct_conn.ptnr2_auth_seq_id 
_struct_conn.ptnr2_symmetry 
_struct_conn.pdbx_ptnr3_label_atom_id 
_struct_conn.pdbx_ptnr3_label_seq_id 
_struct_conn.pdbx_ptnr3_label_comp_id 
_struct_conn.pdbx_ptnr3_label_asym_id 
_struct_conn.pdbx_ptnr3_label_alt_id 
_struct_conn.pdbx_ptnr3_PDB_ins_code 
_struct_conn.details 
_struct_conn.pdbx_dist_value 
_struct_conn.pdbx_value_order 
_struct_conn.pdbx_role 
covale1  covale both ? A DA  4  "O3'" ? ? ? 1_555 A FAG 5  P  ? ? A DA  4  A FAG 5  1_555 ? ? ? ? ? ? ?            1.627 ? ? 
covale2  covale one  ? A FAG 5  "O3'" ? ? ? 1_555 A DT  6  P  ? ? A FAG 5  A DT  6  1_555 ? ? ? ? ? ? ?            1.616 ? ? 
hydrog1  hydrog ?    ? A DC  1  N3    ? ? ? 1_555 B DG  10 N1 ? ? A DC  1  B DG  20 1_555 ? ? ? ? ? ? WATSON-CRICK ?     ? ? 
hydrog2  hydrog ?    ? A DC  1  N4    ? ? ? 1_555 B DG  10 O6 ? ? A DC  1  B DG  20 1_555 ? ? ? ? ? ? WATSON-CRICK ?     ? ? 
hydrog3  hydrog ?    ? A DC  1  O2    ? ? ? 1_555 B DG  10 N2 ? ? A DC  1  B DG  20 1_555 ? ? ? ? ? ? WATSON-CRICK ?     ? ? 
hydrog4  hydrog ?    ? A DT  2  N3    ? ? ? 1_555 B DA  9  N1 ? ? A DT  2  B DA  19 1_555 ? ? ? ? ? ? WATSON-CRICK ?     ? ? 
hydrog5  hydrog ?    ? A DT  2  O4    ? ? ? 1_555 B DA  9  N6 ? ? A DT  2  B DA  19 1_555 ? ? ? ? ? ? WATSON-CRICK ?     ? ? 
hydrog6  hydrog ?    ? A DA  3  N1    ? ? ? 1_555 B DT  8  N3 ? ? A DA  3  B DT  18 1_555 ? ? ? ? ? ? WATSON-CRICK ?     ? ? 
hydrog7  hydrog ?    ? A DA  3  N6    ? ? ? 1_555 B DT  8  O4 ? ? A DA  3  B DT  18 1_555 ? ? ? ? ? ? WATSON-CRICK ?     ? ? 
hydrog8  hydrog ?    ? A DA  4  N1    ? ? ? 1_555 B DT  7  N3 ? ? A DA  4  B DT  17 1_555 ? ? ? ? ? ? WATSON-CRICK ?     ? ? 
hydrog9  hydrog ?    ? A DA  4  N6    ? ? ? 1_555 B DT  7  O4 ? ? A DA  4  B DT  17 1_555 ? ? ? ? ? ? WATSON-CRICK ?     ? ? 
hydrog10 hydrog ?    ? A DT  6  N3    ? ? ? 1_555 B DA  5  N1 ? ? A DT  6  B DA  15 1_555 ? ? ? ? ? ? WATSON-CRICK ?     ? ? 
hydrog11 hydrog ?    ? A DT  6  O4    ? ? ? 1_555 B DA  5  N6 ? ? A DT  6  B DA  15 1_555 ? ? ? ? ? ? WATSON-CRICK ?     ? ? 
hydrog12 hydrog ?    ? A DT  7  N3    ? ? ? 1_555 B DA  4  N1 ? ? A DT  7  B DA  14 1_555 ? ? ? ? ? ? WATSON-CRICK ?     ? ? 
hydrog13 hydrog ?    ? A DT  7  O4    ? ? ? 1_555 B DA  4  N6 ? ? A DT  7  B DA  14 1_555 ? ? ? ? ? ? WATSON-CRICK ?     ? ? 
hydrog14 hydrog ?    ? A DT  8  N3    ? ? ? 1_555 B DA  3  N1 ? ? A DT  8  B DA  13 1_555 ? ? ? ? ? ? WATSON-CRICK ?     ? ? 
hydrog15 hydrog ?    ? A DT  8  O4    ? ? ? 1_555 B DA  3  N6 ? ? A DT  8  B DA  13 1_555 ? ? ? ? ? ? WATSON-CRICK ?     ? ? 
hydrog16 hydrog ?    ? A DC  9  N3    ? ? ? 1_555 B DG  2  N1 ? ? A DC  9  B DG  12 1_555 ? ? ? ? ? ? WATSON-CRICK ?     ? ? 
hydrog17 hydrog ?    ? A DC  9  N4    ? ? ? 1_555 B DG  2  O6 ? ? A DC  9  B DG  12 1_555 ? ? ? ? ? ? WATSON-CRICK ?     ? ? 
hydrog18 hydrog ?    ? A DC  9  O2    ? ? ? 1_555 B DG  2  N2 ? ? A DC  9  B DG  12 1_555 ? ? ? ? ? ? WATSON-CRICK ?     ? ? 
hydrog19 hydrog ?    ? A DA  10 N1    ? ? ? 1_555 B DT  1  N3 ? ? A DA  10 B DT  11 1_555 ? ? ? ? ? ? WATSON-CRICK ?     ? ? 
hydrog20 hydrog ?    ? A DA  10 N6    ? ? ? 1_555 B DT  1  O4 ? ? A DA  10 B DT  11 1_555 ? ? ? ? ? ? WATSON-CRICK ?     ? ? 
# 
loop_
_struct_conn_type.id 
_struct_conn_type.criteria 
_struct_conn_type.reference 
covale ? ? 
hydrog ? ? 
# 
loop_
_pdbx_validate_rmsd_bond.id 
_pdbx_validate_rmsd_bond.PDB_model_num 
_pdbx_validate_rmsd_bond.auth_atom_id_1 
_pdbx_validate_rmsd_bond.auth_asym_id_1 
_pdbx_validate_rmsd_bond.auth_comp_id_1 
_pdbx_validate_rmsd_bond.auth_seq_id_1 
_pdbx_validate_rmsd_bond.PDB_ins_code_1 
_pdbx_validate_rmsd_bond.label_alt_id_1 
_pdbx_validate_rmsd_bond.auth_atom_id_2 
_pdbx_validate_rmsd_bond.auth_asym_id_2 
_pdbx_validate_rmsd_bond.auth_comp_id_2 
_pdbx_validate_rmsd_bond.auth_seq_id_2 
_pdbx_validate_rmsd_bond.PDB_ins_code_2 
_pdbx_validate_rmsd_bond.label_alt_id_2 
_pdbx_validate_rmsd_bond.bond_value 
_pdbx_validate_rmsd_bond.bond_target_value 
_pdbx_validate_rmsd_bond.bond_deviation 
_pdbx_validate_rmsd_bond.bond_standard_deviation 
_pdbx_validate_rmsd_bond.linker_flag 
1 1 "C5'" A DC 1  ? ? "C4'" A DC 1  ? ? 1.560 1.512 0.048 0.007 N 
2 1 "C5'" A DT 2  ? ? "C4'" A DT 2  ? ? 1.555 1.512 0.043 0.007 N 
3 1 "C5'" A DA 4  ? ? "C4'" A DA 4  ? ? 1.569 1.512 0.057 0.007 N 
4 1 "C5'" A DT 6  ? ? "C4'" A DT 6  ? ? 1.563 1.512 0.051 0.007 N 
5 1 "C5'" A DT 7  ? ? "C4'" A DT 7  ? ? 1.556 1.512 0.044 0.007 N 
6 1 "C5'" B DT 17 ? ? "C4'" B DT 17 ? ? 1.559 1.512 0.047 0.007 N 
7 1 "C5'" B DG 20 ? ? "C4'" B DG 20 ? ? 1.556 1.512 0.044 0.007 N 
# 
loop_
_pdbx_validate_rmsd_angle.id 
_pdbx_validate_rmsd_angle.PDB_model_num 
_pdbx_validate_rmsd_angle.auth_atom_id_1 
_pdbx_validate_rmsd_angle.auth_asym_id_1 
_pdbx_validate_rmsd_angle.auth_comp_id_1 
_pdbx_validate_rmsd_angle.auth_seq_id_1 
_pdbx_validate_rmsd_angle.PDB_ins_code_1 
_pdbx_validate_rmsd_angle.label_alt_id_1 
_pdbx_validate_rmsd_angle.auth_atom_id_2 
_pdbx_validate_rmsd_angle.auth_asym_id_2 
_pdbx_validate_rmsd_angle.auth_comp_id_2 
_pdbx_validate_rmsd_angle.auth_seq_id_2 
_pdbx_validate_rmsd_angle.PDB_ins_code_2 
_pdbx_validate_rmsd_angle.label_alt_id_2 
_pdbx_validate_rmsd_angle.auth_atom_id_3 
_pdbx_validate_rmsd_angle.auth_asym_id_3 
_pdbx_validate_rmsd_angle.auth_comp_id_3 
_pdbx_validate_rmsd_angle.auth_seq_id_3 
_pdbx_validate_rmsd_angle.PDB_ins_code_3 
_pdbx_validate_rmsd_angle.label_alt_id_3 
_pdbx_validate_rmsd_angle.angle_value 
_pdbx_validate_rmsd_angle.angle_target_value 
_pdbx_validate_rmsd_angle.angle_deviation 
_pdbx_validate_rmsd_angle.angle_standard_deviation 
_pdbx_validate_rmsd_angle.linker_flag 
1  1 "O4'" A DC 1  ? ? "C4'" A DC 1  ? ? "C3'" A DC 1  ? ? 109.97 106.00 3.97   0.60 N 
2  1 "C5'" A DC 1  ? ? "C4'" A DC 1  ? ? "C3'" A DC 1  ? ? 100.19 114.10 -13.91 1.80 N 
3  1 N1    A DC 1  ? ? C2    A DC 1  ? ? O2    A DC 1  ? ? 122.79 118.90 3.89   0.60 N 
4  1 N3    A DC 1  ? ? C2    A DC 1  ? ? O2    A DC 1  ? ? 117.28 121.90 -4.62  0.70 N 
5  1 "O4'" A DT 2  ? ? "C4'" A DT 2  ? ? "C3'" A DT 2  ? ? 110.44 106.00 4.44   0.60 N 
6  1 "C4'" A DT 2  ? ? "C3'" A DT 2  ? ? "C2'" A DT 2  ? ? 97.65  102.20 -4.55  0.70 N 
7  1 C5    A DT 2  ? ? C6    A DT 2  ? ? N1    A DT 2  ? ? 120.00 123.70 -3.70  0.60 N 
8  1 C6    A DT 2  ? ? C5    A DT 2  ? ? C7    A DT 2  ? ? 118.94 122.90 -3.96  0.60 N 
9  1 "O4'" A DA 3  ? ? "C4'" A DA 3  ? ? "C3'" A DA 3  ? ? 111.32 106.00 5.32   0.60 N 
10 1 C4    A DA 3  ? ? C5    A DA 3  ? ? C6    A DA 3  ? ? 113.41 117.00 -3.59  0.50 N 
11 1 C5    A DA 3  ? ? C6    A DA 3  ? ? N1    A DA 3  ? ? 121.58 117.70 3.88   0.50 N 
12 1 N1    A DA 3  ? ? C6    A DA 3  ? ? N6    A DA 3  ? ? 113.93 118.60 -4.67  0.60 N 
13 1 "O4'" A DA 4  ? ? "C4'" A DA 4  ? ? "C3'" A DA 4  ? ? 111.27 106.00 5.27   0.60 N 
14 1 C4    A DA 4  ? ? C5    A DA 4  ? ? C6    A DA 4  ? ? 113.11 117.00 -3.89  0.50 N 
15 1 C5    A DA 4  ? ? C6    A DA 4  ? ? N1    A DA 4  ? ? 121.52 117.70 3.82   0.50 N 
16 1 N1    A DA 4  ? ? C6    A DA 4  ? ? N6    A DA 4  ? ? 112.38 118.60 -6.22  0.60 N 
17 1 "O4'" A DT 6  ? ? "C4'" A DT 6  ? ? "C3'" A DT 6  ? ? 110.30 106.00 4.30   0.60 N 
18 1 "C5'" A DT 6  ? ? "C4'" A DT 6  ? ? "C3'" A DT 6  ? ? 102.44 114.10 -11.66 1.80 N 
19 1 N3    A DT 6  ? ? C2    A DT 6  ? ? O2    A DT 6  ? ? 118.32 122.30 -3.98  0.60 N 
20 1 "O4'" A DT 7  ? ? "C4'" A DT 7  ? ? "C3'" A DT 7  ? ? 111.15 106.00 5.15   0.60 N 
21 1 C6    A DT 7  ? ? C5    A DT 7  ? ? C7    A DT 7  ? ? 117.81 122.90 -5.09  0.60 N 
22 1 "O4'" A DT 8  ? ? "C4'" A DT 8  ? ? "C3'" A DT 8  ? ? 110.18 106.00 4.18   0.60 N 
23 1 N3    A DT 8  ? ? C2    A DT 8  ? ? O2    A DT 8  ? ? 118.11 122.30 -4.19  0.60 N 
24 1 C6    A DT 8  ? ? C5    A DT 8  ? ? C7    A DT 8  ? ? 119.25 122.90 -3.65  0.60 N 
25 1 "O4'" A DC 9  ? ? "C4'" A DC 9  ? ? "C3'" A DC 9  ? ? 109.62 106.00 3.62   0.60 N 
26 1 N1    A DC 9  ? ? C2    A DC 9  ? ? O2    A DC 9  ? ? 122.67 118.90 3.77   0.60 N 
27 1 N3    A DC 9  ? ? C2    A DC 9  ? ? O2    A DC 9  ? ? 116.61 121.90 -5.29  0.70 N 
28 1 "C5'" A DA 10 ? ? "C4'" A DA 10 ? ? "C3'" A DA 10 ? ? 99.69  114.10 -14.41 1.80 N 
29 1 "C3'" A DA 10 ? ? "C2'" A DA 10 ? ? "C1'" A DA 10 ? ? 96.92  102.40 -5.48  0.80 N 
30 1 "O4'" A DA 10 ? ? "C1'" A DA 10 ? ? N9    A DA 10 ? ? 110.30 108.30 2.00   0.30 N 
31 1 C4    A DA 10 ? ? C5    A DA 10 ? ? C6    A DA 10 ? ? 113.93 117.00 -3.07  0.50 N 
32 1 N1    A DA 10 ? ? C6    A DA 10 ? ? N6    A DA 10 ? ? 112.33 118.60 -6.27  0.60 N 
33 1 "O4'" B DT 11 ? ? "C4'" B DT 11 ? ? "C3'" B DT 11 ? ? 111.42 106.00 5.42   0.60 N 
34 1 "C5'" B DT 11 ? ? "C4'" B DT 11 ? ? "C3'" B DT 11 ? ? 101.11 114.10 -12.99 1.80 N 
35 1 "C5'" B DG 12 ? ? "C4'" B DG 12 ? ? "C3'" B DG 12 ? ? 101.60 114.10 -12.50 1.80 N 
36 1 "C4'" B DG 12 ? ? "C3'" B DG 12 ? ? "C2'" B DG 12 ? ? 97.29  102.20 -4.91  0.70 N 
37 1 "C3'" B DG 12 ? ? "C2'" B DG 12 ? ? "C1'" B DG 12 ? ? 97.12  102.40 -5.28  0.80 N 
38 1 "O4'" B DG 12 ? ? "C1'" B DG 12 ? ? N9    B DG 12 ? ? 112.94 108.30 4.64   0.30 N 
39 1 N1    B DG 12 ? ? C6    B DG 12 ? ? O6    B DG 12 ? ? 115.74 119.90 -4.16  0.60 N 
40 1 "O4'" B DA 13 ? ? "C4'" B DA 13 ? ? "C3'" B DA 13 ? ? 110.57 106.00 4.57   0.60 N 
41 1 C4    B DA 13 ? ? C5    B DA 13 ? ? C6    B DA 13 ? ? 113.66 117.00 -3.34  0.50 N 
42 1 C5    B DA 13 ? ? C6    B DA 13 ? ? N1    B DA 13 ? ? 121.85 117.70 4.15   0.50 N 
43 1 N1    B DA 13 ? ? C6    B DA 13 ? ? N6    B DA 13 ? ? 112.95 118.60 -5.65  0.60 N 
44 1 "O4'" B DA 14 ? ? "C4'" B DA 14 ? ? "C3'" B DA 14 ? ? 111.11 106.00 5.11   0.60 N 
45 1 C4    B DA 14 ? ? C5    B DA 14 ? ? C6    B DA 14 ? ? 113.21 117.00 -3.79  0.50 N 
46 1 C5    B DA 14 ? ? C6    B DA 14 ? ? N1    B DA 14 ? ? 120.74 117.70 3.04   0.50 N 
47 1 N1    B DA 14 ? ? C6    B DA 14 ? ? N6    B DA 14 ? ? 114.51 118.60 -4.09  0.60 N 
48 1 "O4'" B DA 15 ? ? "C4'" B DA 15 ? ? "C3'" B DA 15 ? ? 111.13 106.00 5.13   0.60 N 
49 1 C5    B DA 15 ? ? C6    B DA 15 ? ? N1    B DA 15 ? ? 121.28 117.70 3.58   0.50 N 
50 1 "O4'" B DC 16 ? ? "C4'" B DC 16 ? ? "C3'" B DC 16 ? ? 111.07 106.00 5.07   0.60 N 
51 1 N3    B DC 16 ? ? C2    B DC 16 ? ? O2    B DC 16 ? ? 117.26 121.90 -4.64  0.70 N 
52 1 "O4'" B DT 17 ? ? "C4'" B DT 17 ? ? "C3'" B DT 17 ? ? 110.01 106.00 4.01   0.60 N 
53 1 "C5'" B DT 17 ? ? "C4'" B DT 17 ? ? "C3'" B DT 17 ? ? 101.99 114.10 -12.11 1.80 N 
54 1 "C4'" B DT 17 ? ? "C3'" B DT 17 ? ? "C2'" B DT 17 ? ? 97.95  102.20 -4.25  0.70 N 
55 1 "O4'" B DT 17 ? ? "C1'" B DT 17 ? ? N1    B DT 17 ? ? 110.31 108.30 2.01   0.30 N 
56 1 N3    B DT 17 ? ? C2    B DT 17 ? ? O2    B DT 17 ? ? 118.05 122.30 -4.25  0.60 N 
57 1 C6    B DT 17 ? ? C5    B DT 17 ? ? C7    B DT 17 ? ? 119.30 122.90 -3.60  0.60 N 
58 1 "O4'" B DT 18 ? ? "C4'" B DT 18 ? ? "C3'" B DT 18 ? ? 109.68 106.00 3.68   0.60 N 
59 1 "C3'" B DT 18 ? ? "C2'" B DT 18 ? ? "C1'" B DT 18 ? ? 97.53  102.40 -4.87  0.80 N 
60 1 "O4'" B DT 18 ? ? "C1'" B DT 18 ? ? N1    B DT 18 ? ? 111.01 108.30 2.71   0.30 N 
61 1 C6    B DT 18 ? ? C5    B DT 18 ? ? C7    B DT 18 ? ? 118.74 122.90 -4.16  0.60 N 
62 1 "O4'" B DA 19 ? ? "C4'" B DA 19 ? ? "C3'" B DA 19 ? ? 110.75 106.00 4.75   0.60 N 
63 1 C4    B DA 19 ? ? C5    B DA 19 ? ? C6    B DA 19 ? ? 112.41 117.00 -4.59  0.50 N 
64 1 C5    B DA 19 ? ? C6    B DA 19 ? ? N1    B DA 19 ? ? 121.84 117.70 4.14   0.50 N 
65 1 N1    B DA 19 ? ? C6    B DA 19 ? ? N6    B DA 19 ? ? 112.95 118.60 -5.65  0.60 N 
66 1 "O4'" B DG 20 ? ? "C4'" B DG 20 ? ? "C3'" B DG 20 ? ? 110.70 106.00 4.70   0.60 N 
67 1 "C1'" B DG 20 ? ? "O4'" B DG 20 ? ? "C4'" B DG 20 ? ? 102.71 110.10 -7.39  1.00 N 
68 1 "O4'" B DG 20 ? ? "C1'" B DG 20 ? ? N9    B DG 20 ? ? 110.34 108.30 2.04   0.30 N 
# 
loop_
_pdbx_validate_planes.id 
_pdbx_validate_planes.PDB_model_num 
_pdbx_validate_planes.auth_comp_id 
_pdbx_validate_planes.auth_asym_id 
_pdbx_validate_planes.auth_seq_id 
_pdbx_validate_planes.PDB_ins_code 
_pdbx_validate_planes.label_alt_id 
_pdbx_validate_planes.rmsd 
_pdbx_validate_planes.type 
1 1 DT A 8  ? ? 0.067 'SIDE CHAIN' 
2 1 DA B 13 ? ? 0.081 'SIDE CHAIN' 
# 
_pdbx_nmr_ensemble.average_constraint_violations_per_residue     ? 
_pdbx_nmr_ensemble.average_constraints_per_residue               ? 
_pdbx_nmr_ensemble.average_distance_constraint_violation         ? 
_pdbx_nmr_ensemble.average_torsion_angle_constraint_violation    ? 
_pdbx_nmr_ensemble.conformer_selection_criteria                  'back calculated data agree with experimental NOESY spectrum' 
_pdbx_nmr_ensemble.conformers_calculated_total_number            10 
_pdbx_nmr_ensemble.conformers_submitted_total_number             1 
_pdbx_nmr_ensemble.distance_constraint_violation_method          ? 
_pdbx_nmr_ensemble.entry_id                                      2MMQ 
_pdbx_nmr_ensemble.maximum_distance_constraint_violation         ? 
_pdbx_nmr_ensemble.maximum_lower_distance_constraint_violation   ? 
_pdbx_nmr_ensemble.maximum_torsion_angle_constraint_violation    ? 
_pdbx_nmr_ensemble.maximum_upper_distance_constraint_violation   ? 
_pdbx_nmr_ensemble.torsion_angle_constraint_violation_method     ? 
# 
_pdbx_nmr_representative.conformer_id         1 
_pdbx_nmr_representative.entry_id             2MMQ 
_pdbx_nmr_representative.selection_criteria   'closest to the average' 
# 
_pdbx_nmr_sample_details.contents         
;0.5 mM DNA (5'-D(*CP*TP*AP*AP*(FAG)P*TP*TP*TP*CP*A)-3'), 0.5 mM DNA (5'-D(*TP*GP*AP*AP*AP*CP*TP*TP*AP*G)-3'), 100% D2O
;
_pdbx_nmr_sample_details.solution_id      1 
_pdbx_nmr_sample_details.solvent_system   '100% D2O' 
# 
loop_
_pdbx_nmr_exptl_sample.component 
_pdbx_nmr_exptl_sample.concentration 
_pdbx_nmr_exptl_sample.concentration_range 
_pdbx_nmr_exptl_sample.concentration_units 
_pdbx_nmr_exptl_sample.isotopic_labeling 
_pdbx_nmr_exptl_sample.solution_id 
;DNA (5'-D(*CP*TP*AP*AP*(FAG)P*TP*TP*TP*CP*A)-3')-1
;
0.5 ? mM ? 1 
;DNA (5'-D(*TP*GP*AP*AP*AP*CP*TP*TP*AP*G)-3')-2
;
0.5 ? mM ? 1 
# 
_pdbx_nmr_exptl_sample_conditions.conditions_id       1 
_pdbx_nmr_exptl_sample_conditions.ionic_strength      0.1 
_pdbx_nmr_exptl_sample_conditions.pH                  7 
_pdbx_nmr_exptl_sample_conditions.pressure            ambient 
_pdbx_nmr_exptl_sample_conditions.pressure_units      ? 
_pdbx_nmr_exptl_sample_conditions.temperature         283 
_pdbx_nmr_exptl_sample_conditions.temperature_units   K 
# 
loop_
_pdbx_nmr_exptl.conditions_id 
_pdbx_nmr_exptl.experiment_id 
_pdbx_nmr_exptl.solution_id 
_pdbx_nmr_exptl.type 
1 1 1 '2D 1H-1H COSY'  
1 2 1 '2D 1H-1H NOESY' 
# 
_pdbx_nmr_refine.entry_id           2MMQ 
_pdbx_nmr_refine.method             'DGSA-distance geometry simulated annealing' 
_pdbx_nmr_refine.details            ? 
_pdbx_nmr_refine.software_ordinal   1 
# 
loop_
_pdbx_nmr_software.authors 
_pdbx_nmr_software.classification 
_pdbx_nmr_software.name 
_pdbx_nmr_software.version 
_pdbx_nmr_software.ordinal 
Goddard                                                                     'chemical shift assignment' Sparky  3.115 1 
'Bruker Biospin'                                                            collection                  TopSpin ?     2 
'Bruker Biospin'                                                            processing                  TopSpin ?     3 
'Case, Darden, Cheatham, III, Simmerling, Wang, Duke, Luo, ... and Kollman' refinement                  Amber   12    4 
# 
loop_
_chem_comp_atom.comp_id 
_chem_comp_atom.atom_id 
_chem_comp_atom.type_symbol 
_chem_comp_atom.pdbx_aromatic_flag 
_chem_comp_atom.pdbx_stereo_config 
_chem_comp_atom.pdbx_ordinal 
DA  OP3    O N N 1   
DA  P      P N N 2   
DA  OP1    O N N 3   
DA  OP2    O N N 4   
DA  "O5'"  O N N 5   
DA  "C5'"  C N N 6   
DA  "C4'"  C N R 7   
DA  "O4'"  O N N 8   
DA  "C3'"  C N S 9   
DA  "O3'"  O N N 10  
DA  "C2'"  C N N 11  
DA  "C1'"  C N R 12  
DA  N9     N Y N 13  
DA  C8     C Y N 14  
DA  N7     N Y N 15  
DA  C5     C Y N 16  
DA  C6     C Y N 17  
DA  N6     N N N 18  
DA  N1     N Y N 19  
DA  C2     C Y N 20  
DA  N3     N Y N 21  
DA  C4     C Y N 22  
DA  HOP3   H N N 23  
DA  HOP2   H N N 24  
DA  "H5'"  H N N 25  
DA  "H5''" H N N 26  
DA  "H4'"  H N N 27  
DA  "H3'"  H N N 28  
DA  "HO3'" H N N 29  
DA  "H2'"  H N N 30  
DA  "H2''" H N N 31  
DA  "H1'"  H N N 32  
DA  H8     H N N 33  
DA  H61    H N N 34  
DA  H62    H N N 35  
DA  H2     H N N 36  
DC  OP3    O N N 37  
DC  P      P N N 38  
DC  OP1    O N N 39  
DC  OP2    O N N 40  
DC  "O5'"  O N N 41  
DC  "C5'"  C N N 42  
DC  "C4'"  C N R 43  
DC  "O4'"  O N N 44  
DC  "C3'"  C N S 45  
DC  "O3'"  O N N 46  
DC  "C2'"  C N N 47  
DC  "C1'"  C N R 48  
DC  N1     N N N 49  
DC  C2     C N N 50  
DC  O2     O N N 51  
DC  N3     N N N 52  
DC  C4     C N N 53  
DC  N4     N N N 54  
DC  C5     C N N 55  
DC  C6     C N N 56  
DC  HOP3   H N N 57  
DC  HOP2   H N N 58  
DC  "H5'"  H N N 59  
DC  "H5''" H N N 60  
DC  "H4'"  H N N 61  
DC  "H3'"  H N N 62  
DC  "HO3'" H N N 63  
DC  "H2'"  H N N 64  
DC  "H2''" H N N 65  
DC  "H1'"  H N N 66  
DC  H41    H N N 67  
DC  H42    H N N 68  
DC  H5     H N N 69  
DC  H6     H N N 70  
DG  OP3    O N N 71  
DG  P      P N N 72  
DG  OP1    O N N 73  
DG  OP2    O N N 74  
DG  "O5'"  O N N 75  
DG  "C5'"  C N N 76  
DG  "C4'"  C N R 77  
DG  "O4'"  O N N 78  
DG  "C3'"  C N S 79  
DG  "O3'"  O N N 80  
DG  "C2'"  C N N 81  
DG  "C1'"  C N R 82  
DG  N9     N Y N 83  
DG  C8     C Y N 84  
DG  N7     N Y N 85  
DG  C5     C Y N 86  
DG  C6     C N N 87  
DG  O6     O N N 88  
DG  N1     N N N 89  
DG  C2     C N N 90  
DG  N2     N N N 91  
DG  N3     N N N 92  
DG  C4     C Y N 93  
DG  HOP3   H N N 94  
DG  HOP2   H N N 95  
DG  "H5'"  H N N 96  
DG  "H5''" H N N 97  
DG  "H4'"  H N N 98  
DG  "H3'"  H N N 99  
DG  "HO3'" H N N 100 
DG  "H2'"  H N N 101 
DG  "H2''" H N N 102 
DG  "H1'"  H N N 103 
DG  H8     H N N 104 
DG  H1     H N N 105 
DG  H21    H N N 106 
DG  H22    H N N 107 
DT  OP3    O N N 108 
DT  P      P N N 109 
DT  OP1    O N N 110 
DT  OP2    O N N 111 
DT  "O5'"  O N N 112 
DT  "C5'"  C N N 113 
DT  "C4'"  C N R 114 
DT  "O4'"  O N N 115 
DT  "C3'"  C N S 116 
DT  "O3'"  O N N 117 
DT  "C2'"  C N N 118 
DT  "C1'"  C N R 119 
DT  N1     N N N 120 
DT  C2     C N N 121 
DT  O2     O N N 122 
DT  N3     N N N 123 
DT  C4     C N N 124 
DT  O4     O N N 125 
DT  C5     C N N 126 
DT  C7     C N N 127 
DT  C6     C N N 128 
DT  HOP3   H N N 129 
DT  HOP2   H N N 130 
DT  "H5'"  H N N 131 
DT  "H5''" H N N 132 
DT  "H4'"  H N N 133 
DT  "H3'"  H N N 134 
DT  "HO3'" H N N 135 
DT  "H2'"  H N N 136 
DT  "H2''" H N N 137 
DT  "H1'"  H N N 138 
DT  H3     H N N 139 
DT  H71    H N N 140 
DT  H72    H N N 141 
DT  H73    H N N 142 
DT  H6     H N N 143 
FAG C3A    C N N 144 
FAG C3     C N N 145 
FAG C2A    C N N 146 
FAG C1     C N N 147 
FAG O1     O N N 148 
FAG P      P N N 149 
FAG O1P    O N N 150 
FAG O2P    O N N 151 
FAG "O5'"  O N N 152 
FAG "C5'"  C N N 153 
FAG "C4'"  C N R 154 
FAG "O4'"  O N N 155 
FAG "C1'"  C N R 156 
FAG N9     N N N 157 
FAG C4     C N N 158 
FAG N3     N N N 159 
FAG C2     C N N 160 
FAG N2     N N N 161 
FAG N1     N N N 162 
FAG C6     C N N 163 
FAG O6     O N N 164 
FAG C5     C N N 165 
FAG N7     N N N 166 
FAG C8     C N N 167 
FAG O8     O N N 168 
FAG "C2'"  C N N 169 
FAG "C3'"  C N S 170 
FAG "O3'"  O N N 171 
FAG C8A    C N R 172 
FAG C9     C N R 173 
FAG O9     O N N 174 
FAG C9A    C N R 175 
FAG C9B    C Y N 176 
FAG O7     O N N 177 
FAG C6A    C N S 178 
FAG O6A    O N N 179 
FAG C5M    C Y N 180 
FAG C5B    C Y N 181 
FAG C4B    C Y N 182 
FAG O4     O N N 183 
FAG CM     C N N 184 
FAG C4A    C Y N 185 
FAG CAA    C Y N 186 
FAG O10    O N N 187 
FAG C11    C N N 188 
FAG O11    O N N 189 
FAG CBA    C N N 190 
FAG H31    H N N 191 
FAG H32    H N N 192 
FAG H2A1   H N N 193 
FAG H2A2   H N N 194 
FAG HOP2   H N N 195 
FAG "H5'1" H N N 196 
FAG "H5'2" H N N 197 
FAG "H4'"  H N N 198 
FAG "H1'"  H N N 199 
FAG HN9    H N N 200 
FAG HN21   H N N 201 
FAG HN22   H N N 202 
FAG H1     H N N 203 
FAG H8     H N N 204 
FAG "H2'1" H N N 205 
FAG "H2'2" H N N 206 
FAG "H3'"  H N N 207 
FAG "HO3'" H N N 208 
FAG H8A    H N N 209 
FAG H9     H N N 210 
FAG HO9    H N N 211 
FAG H9A    H N N 212 
FAG H6A    H N N 213 
FAG H5B    H N N 214 
FAG HM1    H N N 215 
FAG HM2    H N N 216 
FAG HM3    H N N 217 
FAG O3P    O N N 218 
FAG HOP3   H N N 219 
# 
loop_
_chem_comp_bond.comp_id 
_chem_comp_bond.atom_id_1 
_chem_comp_bond.atom_id_2 
_chem_comp_bond.value_order 
_chem_comp_bond.pdbx_aromatic_flag 
_chem_comp_bond.pdbx_stereo_config 
_chem_comp_bond.pdbx_ordinal 
DA  OP3   P      sing N N 1   
DA  OP3   HOP3   sing N N 2   
DA  P     OP1    doub N N 3   
DA  P     OP2    sing N N 4   
DA  P     "O5'"  sing N N 5   
DA  OP2   HOP2   sing N N 6   
DA  "O5'" "C5'"  sing N N 7   
DA  "C5'" "C4'"  sing N N 8   
DA  "C5'" "H5'"  sing N N 9   
DA  "C5'" "H5''" sing N N 10  
DA  "C4'" "O4'"  sing N N 11  
DA  "C4'" "C3'"  sing N N 12  
DA  "C4'" "H4'"  sing N N 13  
DA  "O4'" "C1'"  sing N N 14  
DA  "C3'" "O3'"  sing N N 15  
DA  "C3'" "C2'"  sing N N 16  
DA  "C3'" "H3'"  sing N N 17  
DA  "O3'" "HO3'" sing N N 18  
DA  "C2'" "C1'"  sing N N 19  
DA  "C2'" "H2'"  sing N N 20  
DA  "C2'" "H2''" sing N N 21  
DA  "C1'" N9     sing N N 22  
DA  "C1'" "H1'"  sing N N 23  
DA  N9    C8     sing Y N 24  
DA  N9    C4     sing Y N 25  
DA  C8    N7     doub Y N 26  
DA  C8    H8     sing N N 27  
DA  N7    C5     sing Y N 28  
DA  C5    C6     sing Y N 29  
DA  C5    C4     doub Y N 30  
DA  C6    N6     sing N N 31  
DA  C6    N1     doub Y N 32  
DA  N6    H61    sing N N 33  
DA  N6    H62    sing N N 34  
DA  N1    C2     sing Y N 35  
DA  C2    N3     doub Y N 36  
DA  C2    H2     sing N N 37  
DA  N3    C4     sing Y N 38  
DC  OP3   P      sing N N 39  
DC  OP3   HOP3   sing N N 40  
DC  P     OP1    doub N N 41  
DC  P     OP2    sing N N 42  
DC  P     "O5'"  sing N N 43  
DC  OP2   HOP2   sing N N 44  
DC  "O5'" "C5'"  sing N N 45  
DC  "C5'" "C4'"  sing N N 46  
DC  "C5'" "H5'"  sing N N 47  
DC  "C5'" "H5''" sing N N 48  
DC  "C4'" "O4'"  sing N N 49  
DC  "C4'" "C3'"  sing N N 50  
DC  "C4'" "H4'"  sing N N 51  
DC  "O4'" "C1'"  sing N N 52  
DC  "C3'" "O3'"  sing N N 53  
DC  "C3'" "C2'"  sing N N 54  
DC  "C3'" "H3'"  sing N N 55  
DC  "O3'" "HO3'" sing N N 56  
DC  "C2'" "C1'"  sing N N 57  
DC  "C2'" "H2'"  sing N N 58  
DC  "C2'" "H2''" sing N N 59  
DC  "C1'" N1     sing N N 60  
DC  "C1'" "H1'"  sing N N 61  
DC  N1    C2     sing N N 62  
DC  N1    C6     sing N N 63  
DC  C2    O2     doub N N 64  
DC  C2    N3     sing N N 65  
DC  N3    C4     doub N N 66  
DC  C4    N4     sing N N 67  
DC  C4    C5     sing N N 68  
DC  N4    H41    sing N N 69  
DC  N4    H42    sing N N 70  
DC  C5    C6     doub N N 71  
DC  C5    H5     sing N N 72  
DC  C6    H6     sing N N 73  
DG  OP3   P      sing N N 74  
DG  OP3   HOP3   sing N N 75  
DG  P     OP1    doub N N 76  
DG  P     OP2    sing N N 77  
DG  P     "O5'"  sing N N 78  
DG  OP2   HOP2   sing N N 79  
DG  "O5'" "C5'"  sing N N 80  
DG  "C5'" "C4'"  sing N N 81  
DG  "C5'" "H5'"  sing N N 82  
DG  "C5'" "H5''" sing N N 83  
DG  "C4'" "O4'"  sing N N 84  
DG  "C4'" "C3'"  sing N N 85  
DG  "C4'" "H4'"  sing N N 86  
DG  "O4'" "C1'"  sing N N 87  
DG  "C3'" "O3'"  sing N N 88  
DG  "C3'" "C2'"  sing N N 89  
DG  "C3'" "H3'"  sing N N 90  
DG  "O3'" "HO3'" sing N N 91  
DG  "C2'" "C1'"  sing N N 92  
DG  "C2'" "H2'"  sing N N 93  
DG  "C2'" "H2''" sing N N 94  
DG  "C1'" N9     sing N N 95  
DG  "C1'" "H1'"  sing N N 96  
DG  N9    C8     sing Y N 97  
DG  N9    C4     sing Y N 98  
DG  C8    N7     doub Y N 99  
DG  C8    H8     sing N N 100 
DG  N7    C5     sing Y N 101 
DG  C5    C6     sing N N 102 
DG  C5    C4     doub Y N 103 
DG  C6    O6     doub N N 104 
DG  C6    N1     sing N N 105 
DG  N1    C2     sing N N 106 
DG  N1    H1     sing N N 107 
DG  C2    N2     sing N N 108 
DG  C2    N3     doub N N 109 
DG  N2    H21    sing N N 110 
DG  N2    H22    sing N N 111 
DG  N3    C4     sing N N 112 
DT  OP3   P      sing N N 113 
DT  OP3   HOP3   sing N N 114 
DT  P     OP1    doub N N 115 
DT  P     OP2    sing N N 116 
DT  P     "O5'"  sing N N 117 
DT  OP2   HOP2   sing N N 118 
DT  "O5'" "C5'"  sing N N 119 
DT  "C5'" "C4'"  sing N N 120 
DT  "C5'" "H5'"  sing N N 121 
DT  "C5'" "H5''" sing N N 122 
DT  "C4'" "O4'"  sing N N 123 
DT  "C4'" "C3'"  sing N N 124 
DT  "C4'" "H4'"  sing N N 125 
DT  "O4'" "C1'"  sing N N 126 
DT  "C3'" "O3'"  sing N N 127 
DT  "C3'" "C2'"  sing N N 128 
DT  "C3'" "H3'"  sing N N 129 
DT  "O3'" "HO3'" sing N N 130 
DT  "C2'" "C1'"  sing N N 131 
DT  "C2'" "H2'"  sing N N 132 
DT  "C2'" "H2''" sing N N 133 
DT  "C1'" N1     sing N N 134 
DT  "C1'" "H1'"  sing N N 135 
DT  N1    C2     sing N N 136 
DT  N1    C6     sing N N 137 
DT  C2    O2     doub N N 138 
DT  C2    N3     sing N N 139 
DT  N3    C4     sing N N 140 
DT  N3    H3     sing N N 141 
DT  C4    O4     doub N N 142 
DT  C4    C5     sing N N 143 
DT  C5    C7     sing N N 144 
DT  C5    C6     doub N N 145 
DT  C7    H71    sing N N 146 
DT  C7    H72    sing N N 147 
DT  C7    H73    sing N N 148 
DT  C6    H6     sing N N 149 
FAG C3A   C3     sing N N 150 
FAG C3A   C4A    sing N N 151 
FAG C3A   CBA    doub N N 152 
FAG C3    C2A    sing N N 153 
FAG C3    H31    sing N N 154 
FAG C3    H32    sing N N 155 
FAG C2A   C1     sing N N 156 
FAG C2A   H2A1   sing N N 157 
FAG C2A   H2A2   sing N N 158 
FAG C1    O1     doub N N 159 
FAG C1    CBA    sing N N 160 
FAG P     O1P    doub N N 161 
FAG P     O2P    sing N N 162 
FAG P     "O5'"  sing N N 163 
FAG O2P   HOP2   sing N N 164 
FAG "O5'" "C5'"  sing N N 165 
FAG "C5'" "C4'"  sing N N 166 
FAG "C5'" "H5'1" sing N N 167 
FAG "C5'" "H5'2" sing N N 168 
FAG "C4'" "O4'"  sing N N 169 
FAG "C4'" "C3'"  sing N N 170 
FAG "C4'" "H4'"  sing N N 171 
FAG "O4'" "C1'"  sing N N 172 
FAG "C1'" N9     sing N N 173 
FAG "C1'" "C2'"  sing N N 174 
FAG "C1'" "H1'"  sing N N 175 
FAG N9    C4     sing N N 176 
FAG N9    HN9    sing N N 177 
FAG C4    N3     sing N N 178 
FAG C4    C5     doub N N 179 
FAG N3    C2     doub N N 180 
FAG C2    N2     sing N N 181 
FAG C2    N1     sing N N 182 
FAG N2    HN21   sing N N 183 
FAG N2    HN22   sing N N 184 
FAG N1    C6     sing N N 185 
FAG N1    H1     sing N N 186 
FAG C6    O6     doub N N 187 
FAG C6    C5     sing N N 188 
FAG C5    N7     sing N N 189 
FAG N7    C8     sing N N 190 
FAG N7    C8A    sing N N 191 
FAG C8    O8     doub N N 192 
FAG C8    H8     sing N N 193 
FAG "C2'" "C3'"  sing N N 194 
FAG "C2'" "H2'1" sing N N 195 
FAG "C2'" "H2'2" sing N N 196 
FAG "C3'" "O3'"  sing N N 197 
FAG "C3'" "H3'"  sing N N 198 
FAG "O3'" "HO3'" sing N N 199 
FAG C8A   C9     sing N N 200 
FAG C8A   O7     sing N N 201 
FAG C8A   H8A    sing N N 202 
FAG C9    O9     sing N N 203 
FAG C9    C9A    sing N N 204 
FAG C9    H9     sing N N 205 
FAG O9    HO9    sing N N 206 
FAG C9A   C9B    sing N N 207 
FAG C9A   C6A    sing N N 208 
FAG C9A   H9A    sing N N 209 
FAG C9B   C5M    doub Y N 210 
FAG C9B   CAA    sing Y N 211 
FAG O7    C6A    sing N N 212 
FAG C6A   O6A    sing N N 213 
FAG C6A   H6A    sing N N 214 
FAG O6A   C5M    sing N N 215 
FAG C5M   C5B    sing Y N 216 
FAG C5B   C4B    doub Y N 217 
FAG C5B   H5B    sing N N 218 
FAG C4B   O4     sing N N 219 
FAG C4B   C4A    sing Y N 220 
FAG O4    CM     sing N N 221 
FAG CM    HM1    sing N N 222 
FAG CM    HM2    sing N N 223 
FAG CM    HM3    sing N N 224 
FAG C4A   CAA    doub Y N 225 
FAG CAA   O10    sing N N 226 
FAG O10   C11    sing N N 227 
FAG C11   O11    doub N N 228 
FAG C11   CBA    sing N N 229 
FAG P     O3P    sing N N 230 
FAG O3P   HOP3   sing N N 231 
# 
loop_
_ndb_struct_conf_na.entry_id 
_ndb_struct_conf_na.feature 
2MMQ 'b-form double helix'  
2MMQ 'mismatched base pair' 
# 
loop_
_ndb_struct_na_base_pair.model_number 
_ndb_struct_na_base_pair.i_label_asym_id 
_ndb_struct_na_base_pair.i_label_comp_id 
_ndb_struct_na_base_pair.i_label_seq_id 
_ndb_struct_na_base_pair.i_symmetry 
_ndb_struct_na_base_pair.j_label_asym_id 
_ndb_struct_na_base_pair.j_label_comp_id 
_ndb_struct_na_base_pair.j_label_seq_id 
_ndb_struct_na_base_pair.j_symmetry 
_ndb_struct_na_base_pair.shear 
_ndb_struct_na_base_pair.stretch 
_ndb_struct_na_base_pair.stagger 
_ndb_struct_na_base_pair.buckle 
_ndb_struct_na_base_pair.propeller 
_ndb_struct_na_base_pair.opening 
_ndb_struct_na_base_pair.pair_number 
_ndb_struct_na_base_pair.pair_name 
_ndb_struct_na_base_pair.i_auth_asym_id 
_ndb_struct_na_base_pair.i_auth_seq_id 
_ndb_struct_na_base_pair.i_PDB_ins_code 
_ndb_struct_na_base_pair.j_auth_asym_id 
_ndb_struct_na_base_pair.j_auth_seq_id 
_ndb_struct_na_base_pair.j_PDB_ins_code 
_ndb_struct_na_base_pair.hbond_type_28 
_ndb_struct_na_base_pair.hbond_type_12 
1 A DC 1  1_555 B DG 10 1_555 0.291  -0.135 0.248  -0.237  -11.405 -3.541 1 A_DC1:DG20_B  A 1  ? B 20 ? 19 1 
1 A DT 2  1_555 B DA 9  1_555 -0.239 0.018  0.162  5.375   -10.118 0.384  2 A_DT2:DA19_B  A 2  ? B 19 ? 20 1 
1 A DA 3  1_555 B DT 8  1_555 0.138  -0.004 0.947  29.732  -6.522  -1.145 3 A_DA3:DT18_B  A 3  ? B 18 ? 20 1 
1 A DA 4  1_555 B DT 7  1_555 0.438  0.095  0.442  23.528  -4.357  2.623  4 A_DA4:DT17_B  A 4  ? B 17 ? 20 1 
1 A DT 6  1_555 B DA 5  1_555 -0.241 0.055  0.124  10.545  -12.662 -4.474 5 A_DT6:DA15_B  A 6  ? B 15 ? 20 1 
1 A DT 7  1_555 B DA 4  1_555 -0.118 -0.073 -0.199 -0.456  -25.861 -1.111 6 A_DT7:DA14_B  A 7  ? B 14 ? 20 1 
1 A DT 8  1_555 B DA 3  1_555 0.148  0.025  0.144  -16.604 -18.084 4.427  7 A_DT8:DA13_B  A 8  ? B 13 ? 20 1 
1 A DC 9  1_555 B DG 2  1_555 0.396  -0.031 0.452  -22.710 4.303   -0.426 8 A_DC9:DG12_B  A 9  ? B 12 ? 19 1 
1 A DA 10 1_555 B DT 1  1_555 0.156  -0.021 0.641  8.650   -0.414  3.087  9 A_DA10:DT11_B A 10 ? B 11 ? 20 1 
# 
loop_
_ndb_struct_na_base_pair_step.model_number 
_ndb_struct_na_base_pair_step.i_label_asym_id_1 
_ndb_struct_na_base_pair_step.i_label_comp_id_1 
_ndb_struct_na_base_pair_step.i_label_seq_id_1 
_ndb_struct_na_base_pair_step.i_symmetry_1 
_ndb_struct_na_base_pair_step.j_label_asym_id_1 
_ndb_struct_na_base_pair_step.j_label_comp_id_1 
_ndb_struct_na_base_pair_step.j_label_seq_id_1 
_ndb_struct_na_base_pair_step.j_symmetry_1 
_ndb_struct_na_base_pair_step.i_label_asym_id_2 
_ndb_struct_na_base_pair_step.i_label_comp_id_2 
_ndb_struct_na_base_pair_step.i_label_seq_id_2 
_ndb_struct_na_base_pair_step.i_symmetry_2 
_ndb_struct_na_base_pair_step.j_label_asym_id_2 
_ndb_struct_na_base_pair_step.j_label_comp_id_2 
_ndb_struct_na_base_pair_step.j_label_seq_id_2 
_ndb_struct_na_base_pair_step.j_symmetry_2 
_ndb_struct_na_base_pair_step.shift 
_ndb_struct_na_base_pair_step.slide 
_ndb_struct_na_base_pair_step.rise 
_ndb_struct_na_base_pair_step.tilt 
_ndb_struct_na_base_pair_step.roll 
_ndb_struct_na_base_pair_step.twist 
_ndb_struct_na_base_pair_step.x_displacement 
_ndb_struct_na_base_pair_step.y_displacement 
_ndb_struct_na_base_pair_step.helical_rise 
_ndb_struct_na_base_pair_step.inclination 
_ndb_struct_na_base_pair_step.tip 
_ndb_struct_na_base_pair_step.helical_twist 
_ndb_struct_na_base_pair_step.step_number 
_ndb_struct_na_base_pair_step.step_name 
_ndb_struct_na_base_pair_step.i_auth_asym_id_1 
_ndb_struct_na_base_pair_step.i_auth_seq_id_1 
_ndb_struct_na_base_pair_step.i_PDB_ins_code_1 
_ndb_struct_na_base_pair_step.j_auth_asym_id_1 
_ndb_struct_na_base_pair_step.j_auth_seq_id_1 
_ndb_struct_na_base_pair_step.j_PDB_ins_code_1 
_ndb_struct_na_base_pair_step.i_auth_asym_id_2 
_ndb_struct_na_base_pair_step.i_auth_seq_id_2 
_ndb_struct_na_base_pair_step.i_PDB_ins_code_2 
_ndb_struct_na_base_pair_step.j_auth_asym_id_2 
_ndb_struct_na_base_pair_step.j_auth_seq_id_2 
_ndb_struct_na_base_pair_step.j_PDB_ins_code_2 
1 A DC 1 1_555 B DG 10 1_555 A DT 2  1_555 B DA 9 1_555 0.032 -0.941 3.163 0.999  3.129  27.834 -2.647 0.159  3.040 6.475   -2.067 
28.024 1 AA_DC1DT2:DA19DG20_BB  A 1 ? B 20 ? A 2  ? B 19 ? 
1 A DT 2 1_555 B DA 9  1_555 A DA 3  1_555 B DT 8 1_555 0.459 0.185  2.802 -5.520 -5.407 42.249 0.706  -1.090 2.682 -7.427  7.582  
42.918 2 AA_DT2DA3:DT18DA19_BB  A 2 ? B 19 ? A 3  ? B 18 ? 
1 A DA 3 1_555 B DT 8  1_555 A DA 4  1_555 B DT 7 1_555 0.171 -0.546 3.853 2.593  8.019  34.377 -2.274 0.164  3.641 13.320  -4.307 
35.364 3 AA_DA3DA4:DT17DT18_BB  A 3 ? B 18 ? A 4  ? B 17 ? 
1 A DT 6 1_555 B DA 5  1_555 A DT 7  1_555 B DA 4 1_555 0.538 -0.462 3.357 4.619  4.479  39.135 -1.220 -0.239 3.326 6.632   -6.839 
39.640 4 AA_DT6DT7:DA14DA15_BB  A 6 ? B 15 ? A 7  ? B 14 ? 
1 A DT 7 1_555 B DA 4  1_555 A DT 8  1_555 B DA 3 1_555 0.446 -0.268 3.613 1.024  4.974  38.360 -1.078 -0.535 3.563 7.529   -1.550 
38.683 5 AA_DT7DT8:DA13DA14_BB  A 7 ? B 14 ? A 8  ? B 13 ? 
1 A DT 8 1_555 B DA 3  1_555 A DC 9  1_555 B DG 2 1_555 0.189 0.186  3.477 -4.479 1.949  43.463 0.052  -0.709 3.446 2.622   6.025  
43.723 6 AA_DT8DC9:DG12DA13_BB  A 8 ? B 13 ? A 9  ? B 12 ? 
1 A DC 9 1_555 B DG 2  1_555 A DA 10 1_555 B DT 1 1_555 1.014 -0.392 2.594 -0.681 -4.528 21.174 0.397  -2.916 2.587 -12.139 1.825  
21.658 7 AA_DC9DA10:DT11DG12_BB A 9 ? B 12 ? A 10 ? B 11 ? 
# 
loop_
_pdbx_nmr_spectrometer.field_strength 
_pdbx_nmr_spectrometer.manufacturer 
_pdbx_nmr_spectrometer.model 
_pdbx_nmr_spectrometer.spectrometer_id 
_pdbx_nmr_spectrometer.type 
800 Bruker AVANCE 1 'Bruker Avance' 
900 Bruker AVANCE 2 'Bruker Avance' 
# 
_atom_sites.entry_id                    2MMQ 
_atom_sites.fract_transf_matrix[1][1]   1.000000 
_atom_sites.fract_transf_matrix[1][2]   0.000000 
_atom_sites.fract_transf_matrix[1][3]   0.000000 
_atom_sites.fract_transf_matrix[2][1]   0.000000 
_atom_sites.fract_transf_matrix[2][2]   1.000000 
_atom_sites.fract_transf_matrix[2][3]   0.000000 
_atom_sites.fract_transf_matrix[3][1]   0.000000 
_atom_sites.fract_transf_matrix[3][2]   0.000000 
_atom_sites.fract_transf_matrix[3][3]   1.000000 
_atom_sites.fract_transf_vector[1]      0.00000 
_atom_sites.fract_transf_vector[2]      0.00000 
_atom_sites.fract_transf_vector[3]      0.00000 
# 
loop_
_atom_type.symbol 
C 
H 
N 
O 
P 
# 
loop_
_atom_site.group_PDB 
_atom_site.id 
_atom_site.type_symbol 
_atom_site.label_atom_id 
_atom_site.label_alt_id 
_atom_site.label_comp_id 
_atom_site.label_asym_id 
_atom_site.label_entity_id 
_atom_site.label_seq_id 
_atom_site.pdbx_PDB_ins_code 
_atom_site.Cartn_x 
_atom_site.Cartn_y 
_atom_site.Cartn_z 
_atom_site.occupancy 
_atom_site.B_iso_or_equiv 
_atom_site.pdbx_formal_charge 
_atom_site.auth_seq_id 
_atom_site.auth_comp_id 
_atom_site.auth_asym_id 
_atom_site.auth_atom_id 
_atom_site.pdbx_PDB_model_num 
ATOM   1   O "O5'"  . DC  A 1 1  ? -3.234  18.682  11.080  1.00 0.00 ? 1  DC  A "O5'"  1 
ATOM   2   C "C5'"  . DC  A 1 1  ? -3.416  18.079  9.782   1.00 0.00 ? 1  DC  A "C5'"  1 
ATOM   3   C "C4'"  . DC  A 1 1  ? -2.192  18.384  8.862   1.00 0.00 ? 1  DC  A "C4'"  1 
ATOM   4   O "O4'"  . DC  A 1 1  ? -0.988  17.810  9.335   1.00 0.00 ? 1  DC  A "O4'"  1 
ATOM   5   C "C3'"  . DC  A 1 1  ? -2.641  17.677  7.569   1.00 0.00 ? 1  DC  A "C3'"  1 
ATOM   6   O "O3'"  . DC  A 1 1  ? -2.155  18.419  6.458   1.00 0.00 ? 1  DC  A "O3'"  1 
ATOM   7   C "C2'"  . DC  A 1 1  ? -1.946  16.309  7.763   1.00 0.00 ? 1  DC  A "C2'"  1 
ATOM   8   C "C1'"  . DC  A 1 1  ? -0.665  16.783  8.458   1.00 0.00 ? 1  DC  A "C1'"  1 
ATOM   9   N N1     . DC  A 1 1  ? 0.012   15.681  9.236   1.00 0.00 ? 1  DC  A N1     1 
ATOM   10  C C2     . DC  A 1 1  ? 1.370   15.406  8.998   1.00 0.00 ? 1  DC  A C2     1 
ATOM   11  O O2     . DC  A 1 1  ? 2.033   16.016  8.181   1.00 0.00 ? 1  DC  A O2     1 
ATOM   12  N N3     . DC  A 1 1  ? 2.001   14.444  9.717   1.00 0.00 ? 1  DC  A N3     1 
ATOM   13  C C4     . DC  A 1 1  ? 1.320   13.778  10.626  1.00 0.00 ? 1  DC  A C4     1 
ATOM   14  N N4     . DC  A 1 1  ? 1.972   12.909  11.319  1.00 0.00 ? 1  DC  A N4     1 
ATOM   15  C C5     . DC  A 1 1  ? -0.042  14.010  10.899  1.00 0.00 ? 1  DC  A C5     1 
ATOM   16  C C6     . DC  A 1 1  ? -0.671  14.973  10.182  1.00 0.00 ? 1  DC  A C6     1 
ATOM   17  H "H5'"  . DC  A 1 1  ? -4.335  18.481  9.355   1.00 0.00 ? 1  DC  A "H5'"  1 
ATOM   18  H "H5''" . DC  A 1 1  ? -3.529  17.005  9.928   1.00 0.00 ? 1  DC  A "H5''" 1 
ATOM   19  H "H4'"  . DC  A 1 1  ? -2.110  19.460  8.711   1.00 0.00 ? 1  DC  A "H4'"  1 
ATOM   20  H "H3'"  . DC  A 1 1  ? -3.719  17.528  7.507   1.00 0.00 ? 1  DC  A "H3'"  1 
ATOM   21  H "H2'"  . DC  A 1 1  ? -2.563  15.654  8.379   1.00 0.00 ? 1  DC  A "H2'"  1 
ATOM   22  H "H2''" . DC  A 1 1  ? -1.735  15.836  6.803   1.00 0.00 ? 1  DC  A "H2''" 1 
ATOM   23  H "H1'"  . DC  A 1 1  ? 0.000   17.182  7.693   1.00 0.00 ? 1  DC  A "H1'"  1 
ATOM   24  H H41    . DC  A 1 1  ? 1.506   12.431  12.077  1.00 0.00 ? 1  DC  A H41    1 
ATOM   25  H H42    . DC  A 1 1  ? 2.965   12.834  11.144  1.00 0.00 ? 1  DC  A H42    1 
ATOM   26  H H5     . DC  A 1 1  ? -0.581  13.465  11.660  1.00 0.00 ? 1  DC  A H5     1 
ATOM   27  H H6     . DC  A 1 1  ? -1.696  15.237  10.398  1.00 0.00 ? 1  DC  A H6     1 
ATOM   28  H "HO5'" . DC  A 1 1  ? -2.361  18.461  11.413  1.00 0.00 ? 1  DC  A "HO5'" 1 
ATOM   29  P P      . DT  A 1 2  ? -2.565  18.067  4.927   1.00 0.00 ? 2  DT  A P      1 
ATOM   30  O OP1    . DT  A 1 2  ? -2.635  19.336  4.166   1.00 0.00 ? 2  DT  A OP1    1 
ATOM   31  O OP2    . DT  A 1 2  ? -3.752  17.163  4.938   1.00 0.00 ? 2  DT  A OP2    1 
ATOM   32  O "O5'"  . DT  A 1 2  ? -1.305  17.219  4.420   1.00 0.00 ? 2  DT  A "O5'"  1 
ATOM   33  C "C5'"  . DT  A 1 2  ? -0.024  17.832  4.233   1.00 0.00 ? 2  DT  A "C5'"  1 
ATOM   34  C "C4'"  . DT  A 1 2  ? 1.138   16.860  3.882   1.00 0.00 ? 2  DT  A "C4'"  1 
ATOM   35  O "O4'"  . DT  A 1 2  ? 1.449   15.953  4.910   1.00 0.00 ? 2  DT  A "O4'"  1 
ATOM   36  C "C3'"  . DT  A 1 2  ? 0.643   16.101  2.622   1.00 0.00 ? 2  DT  A "C3'"  1 
ATOM   37  O "O3'"  . DT  A 1 2  ? 1.673   16.080  1.621   1.00 0.00 ? 2  DT  A "O3'"  1 
ATOM   38  C "C2'"  . DT  A 1 2  ? 0.300   14.744  3.317   1.00 0.00 ? 2  DT  A "C2'"  1 
ATOM   39  C "C1'"  . DT  A 1 2  ? 1.449   14.695  4.317   1.00 0.00 ? 2  DT  A "C1'"  1 
ATOM   40  N N1     . DT  A 1 2  ? 1.348   13.646  5.384   1.00 0.00 ? 2  DT  A N1     1 
ATOM   41  C C2     . DT  A 1 2  ? 2.551   13.006  5.764   1.00 0.00 ? 2  DT  A C2     1 
ATOM   42  O O2     . DT  A 1 2  ? 3.626   13.132  5.163   1.00 0.00 ? 2  DT  A O2     1 
ATOM   43  N N3     . DT  A 1 2  ? 2.474   12.166  6.845   1.00 0.00 ? 2  DT  A N3     1 
ATOM   44  C C4     . DT  A 1 2  ? 1.336   11.878  7.568   1.00 0.00 ? 2  DT  A C4     1 
ATOM   45  O O4     . DT  A 1 2  ? 1.435   11.087  8.505   1.00 0.00 ? 2  DT  A O4     1 
ATOM   46  C C5     . DT  A 1 2  ? 0.118   12.548  7.091   1.00 0.00 ? 2  DT  A C5     1 
ATOM   47  C C7     . DT  A 1 2  ? -1.205  12.293  7.777   1.00 0.00 ? 2  DT  A C7     1 
ATOM   48  C C6     . DT  A 1 2  ? 0.152   13.379  6.010   1.00 0.00 ? 2  DT  A C6     1 
ATOM   49  H "H5'"  . DT  A 1 2  ? 0.226   18.329  5.170   1.00 0.00 ? 2  DT  A "H5'"  1 
ATOM   50  H "H5''" . DT  A 1 2  ? -0.078  18.578  3.440   1.00 0.00 ? 2  DT  A "H5''" 1 
ATOM   51  H "H4'"  . DT  A 1 2  ? 2.024   17.438  3.620   1.00 0.00 ? 2  DT  A "H4'"  1 
ATOM   52  H "H3'"  . DT  A 1 2  ? -0.253  16.551  2.196   1.00 0.00 ? 2  DT  A "H3'"  1 
ATOM   53  H "H2'"  . DT  A 1 2  ? -0.669  14.814  3.809   1.00 0.00 ? 2  DT  A "H2'"  1 
ATOM   54  H "H2''" . DT  A 1 2  ? 0.326   13.913  2.612   1.00 0.00 ? 2  DT  A "H2''" 1 
ATOM   55  H "H1'"  . DT  A 1 2  ? 2.354   14.543  3.730   1.00 0.00 ? 2  DT  A "H1'"  1 
ATOM   56  H H3     . DT  A 1 2  ? 3.307   11.674  7.133   1.00 0.00 ? 2  DT  A H3     1 
ATOM   57  H H71    . DT  A 1 2  ? -1.980  12.951  7.384   1.00 0.00 ? 2  DT  A H71    1 
ATOM   58  H H72    . DT  A 1 2  ? -1.099  12.470  8.847   1.00 0.00 ? 2  DT  A H72    1 
ATOM   59  H H73    . DT  A 1 2  ? -1.493  11.254  7.612   1.00 0.00 ? 2  DT  A H73    1 
ATOM   60  H H6     . DT  A 1 2  ? -0.758  13.851  5.667   1.00 0.00 ? 2  DT  A H6     1 
ATOM   61  P P      . DA  A 1 3  ? 1.427   15.514  0.137   1.00 0.00 ? 3  DA  A P      1 
ATOM   62  O OP1    . DA  A 1 3  ? 1.876   16.555  -0.824  1.00 0.00 ? 3  DA  A OP1    1 
ATOM   63  O OP2    . DA  A 1 3  ? 0.066   14.948  0.027   1.00 0.00 ? 3  DA  A OP2    1 
ATOM   64  O "O5'"  . DA  A 1 3  ? 2.492   14.307  0.083   1.00 0.00 ? 3  DA  A "O5'"  1 
ATOM   65  C "C5'"  . DA  A 1 3  ? 3.895   14.585  0.135   1.00 0.00 ? 3  DA  A "C5'"  1 
ATOM   66  C "C4'"  . DA  A 1 3  ? 4.768   13.356  0.443   1.00 0.00 ? 3  DA  A "C4'"  1 
ATOM   67  O "O4'"  . DA  A 1 3  ? 4.329   12.698  1.604   1.00 0.00 ? 3  DA  A "O4'"  1 
ATOM   68  C "C3'"  . DA  A 1 3  ? 4.607   12.457  -0.811  1.00 0.00 ? 3  DA  A "C3'"  1 
ATOM   69  O "O3'"  . DA  A 1 3  ? 5.864   11.851  -1.135  1.00 0.00 ? 3  DA  A "O3'"  1 
ATOM   70  C "C2'"  . DA  A 1 3  ? 3.543   11.457  -0.294  1.00 0.00 ? 3  DA  A "C2'"  1 
ATOM   71  C "C1'"  . DA  A 1 3  ? 3.999   11.394  1.180   1.00 0.00 ? 3  DA  A "C1'"  1 
ATOM   72  N N9     . DA  A 1 3  ? 2.963   10.879  2.121   1.00 0.00 ? 3  DA  A N9     1 
ATOM   73  C C8     . DA  A 1 3  ? 1.598   11.069  2.110   1.00 0.00 ? 3  DA  A C8     1 
ATOM   74  N N7     . DA  A 1 3  ? 0.983   10.547  3.147   1.00 0.00 ? 3  DA  A N7     1 
ATOM   75  C C5     . DA  A 1 3  ? 2.036   9.967   3.885   1.00 0.00 ? 3  DA  A C5     1 
ATOM   76  C C6     . DA  A 1 3  ? 2.134   9.261   5.116   1.00 0.00 ? 3  DA  A C6     1 
ATOM   77  N N6     . DA  A 1 3  ? 1.097   8.948   5.888   1.00 0.00 ? 3  DA  A N6     1 
ATOM   78  N N1     . DA  A 1 3  ? 3.306   8.830   5.582   1.00 0.00 ? 3  DA  A N1     1 
ATOM   79  C C2     . DA  A 1 3  ? 4.397   9.041   4.835   1.00 0.00 ? 3  DA  A C2     1 
ATOM   80  N N3     . DA  A 1 3  ? 4.474   9.682   3.669   1.00 0.00 ? 3  DA  A N3     1 
ATOM   81  C C4     . DA  A 1 3  ? 3.245   10.128  3.250   1.00 0.00 ? 3  DA  A C4     1 
ATOM   82  H "H5'"  . DA  A 1 3  ? 4.075   15.305  0.934   1.00 0.00 ? 3  DA  A "H5'"  1 
ATOM   83  H "H5''" . DA  A 1 3  ? 4.213   15.047  -0.799  1.00 0.00 ? 3  DA  A "H5''" 1 
ATOM   84  H "H4'"  . DA  A 1 3  ? 5.802   13.694  0.525   1.00 0.00 ? 3  DA  A "H4'"  1 
ATOM   85  H "H3'"  . DA  A 1 3  ? 4.217   12.992  -1.675  1.00 0.00 ? 3  DA  A "H3'"  1 
ATOM   86  H "H2'"  . DA  A 1 3  ? 2.537   11.866  -0.395  1.00 0.00 ? 3  DA  A "H2'"  1 
ATOM   87  H "H2''" . DA  A 1 3  ? 3.614   10.488  -0.786  1.00 0.00 ? 3  DA  A "H2''" 1 
ATOM   88  H "H1'"  . DA  A 1 3  ? 4.894   10.774  1.227   1.00 0.00 ? 3  DA  A "H1'"  1 
ATOM   89  H H8     . DA  A 1 3  ? 1.091   11.654  1.357   1.00 0.00 ? 3  DA  A H8     1 
ATOM   90  H H61    . DA  A 1 3  ? 0.171   9.198   5.575   1.00 0.00 ? 3  DA  A H61    1 
ATOM   91  H H62    . DA  A 1 3  ? 1.293   8.533   6.789   1.00 0.00 ? 3  DA  A H62    1 
ATOM   92  H H2     . DA  A 1 3  ? 5.336   8.700   5.246   1.00 0.00 ? 3  DA  A H2     1 
ATOM   93  P P      . DA  A 1 4  ? 6.046   10.878  -2.432  1.00 0.00 ? 4  DA  A P      1 
ATOM   94  O OP1    . DA  A 1 4  ? 7.391   11.086  -3.032  1.00 0.00 ? 4  DA  A OP1    1 
ATOM   95  O OP2    . DA  A 1 4  ? 4.844   10.998  -3.293  1.00 0.00 ? 4  DA  A OP2    1 
ATOM   96  O "O5'"  . DA  A 1 4  ? 6.025   9.391   -1.812  1.00 0.00 ? 4  DA  A "O5'"  1 
ATOM   97  C "C5'"  . DA  A 1 4  ? 7.121   8.863   -1.098  1.00 0.00 ? 4  DA  A "C5'"  1 
ATOM   98  C "C4'"  . DA  A 1 4  ? 7.014   7.358   -0.665  1.00 0.00 ? 4  DA  A "C4'"  1 
ATOM   99  O "O4'"  . DA  A 1 4  ? 6.032   7.142   0.328   1.00 0.00 ? 4  DA  A "O4'"  1 
ATOM   100 C "C3'"  . DA  A 1 4  ? 6.656   6.628   -1.975  1.00 0.00 ? 4  DA  A "C3'"  1 
ATOM   101 O "O3'"  . DA  A 1 4  ? 7.341   5.371   -2.062  1.00 0.00 ? 4  DA  A "O3'"  1 
ATOM   102 C "C2'"  . DA  A 1 4  ? 5.122   6.474   -1.787  1.00 0.00 ? 4  DA  A "C2'"  1 
ATOM   103 C "C1'"  . DA  A 1 4  ? 5.029   6.358   -0.267  1.00 0.00 ? 4  DA  A "C1'"  1 
ATOM   104 N N9     . DA  A 1 4  ? 3.735   6.750   0.350   1.00 0.00 ? 4  DA  A N9     1 
ATOM   105 C C8     . DA  A 1 4  ? 2.772   7.609   -0.137  1.00 0.00 ? 4  DA  A C8     1 
ATOM   106 N N7     . DA  A 1 4  ? 1.707   7.678   0.621   1.00 0.00 ? 4  DA  A N7     1 
ATOM   107 C C5     . DA  A 1 4  ? 2.039   6.863   1.712   1.00 0.00 ? 4  DA  A C5     1 
ATOM   108 C C6     . DA  A 1 4  ? 1.414   6.517   2.941   1.00 0.00 ? 4  DA  A C6     1 
ATOM   109 N N6     . DA  A 1 4  ? 0.224   6.916   3.346   1.00 0.00 ? 4  DA  A N6     1 
ATOM   110 N N1     . DA  A 1 4  ? 2.016   5.730   3.831   1.00 0.00 ? 4  DA  A N1     1 
ATOM   111 C C2     . DA  A 1 4  ? 3.222   5.268   3.544   1.00 0.00 ? 4  DA  A C2     1 
ATOM   112 N N3     . DA  A 1 4  ? 3.930   5.483   2.436   1.00 0.00 ? 4  DA  A N3     1 
ATOM   113 C C4     . DA  A 1 4  ? 3.271   6.290   1.557   1.00 0.00 ? 4  DA  A C4     1 
ATOM   114 H "H5'"  . DA  A 1 4  ? 7.274   9.475   -0.207  1.00 0.00 ? 4  DA  A "H5'"  1 
ATOM   115 H "H5''" . DA  A 1 4  ? 8.004   8.946   -1.732  1.00 0.00 ? 4  DA  A "H5''" 1 
ATOM   116 H "H4'"  . DA  A 1 4  ? 7.993   7.041   -0.306  1.00 0.00 ? 4  DA  A "H4'"  1 
ATOM   117 H "H3'"  . DA  A 1 4  ? 6.879   7.224   -2.859  1.00 0.00 ? 4  DA  A "H3'"  1 
ATOM   118 H "H2'"  . DA  A 1 4  ? 4.573   7.338   -2.165  1.00 0.00 ? 4  DA  A "H2'"  1 
ATOM   119 H "H2''" . DA  A 1 4  ? 4.780   5.558   -2.269  1.00 0.00 ? 4  DA  A "H2''" 1 
ATOM   120 H "H1'"  . DA  A 1 4  ? 5.168   5.301   -0.038  1.00 0.00 ? 4  DA  A "H1'"  1 
ATOM   121 H H8     . DA  A 1 4  ? 2.871   8.131   -1.078  1.00 0.00 ? 4  DA  A H8     1 
ATOM   122 H H61    . DA  A 1 4  ? -0.268  7.637   2.837   1.00 0.00 ? 4  DA  A H61    1 
ATOM   123 H H62    . DA  A 1 4  ? -0.102  6.624   4.256   1.00 0.00 ? 4  DA  A H62    1 
ATOM   124 H H2     . DA  A 1 4  ? 3.692   4.634   4.281   1.00 0.00 ? 4  DA  A H2     1 
HETATM 125 C C3A    . FAG A 1 5  ? -1.282  2.895   2.508   1.00 0.00 ? 5  FAG A C3A    1 
HETATM 126 C C3     . FAG A 1 5  ? -1.366  2.217   3.789   1.00 0.00 ? 5  FAG A C3     1 
HETATM 127 C C2A    . FAG A 1 5  ? -2.820  2.232   4.239   1.00 0.00 ? 5  FAG A C2A    1 
HETATM 128 C C1     . FAG A 1 5  ? -3.532  2.963   3.126   1.00 0.00 ? 5  FAG A C1     1 
HETATM 129 O O1     . FAG A 1 5  ? -4.747  3.115   3.133   1.00 0.00 ? 5  FAG A O1     1 
HETATM 130 P P      . FAG A 1 5  ? 7.458   4.565   -3.470  1.00 0.00 ? 5  FAG A P      1 
HETATM 131 O O1P    . FAG A 1 5  ? 8.888   4.227   -3.701  1.00 0.00 ? 5  FAG A O1P    1 
HETATM 132 O O2P    . FAG A 1 5  ? 6.701   5.312   -4.516  1.00 0.00 ? 5  FAG A O2P    1 
HETATM 133 O "O5'"  . FAG A 1 5  ? 6.656   3.181   -3.187  1.00 0.00 ? 5  FAG A "O5'"  1 
HETATM 134 C "C5'"  . FAG A 1 5  ? 7.102   2.227   -2.200  1.00 0.00 ? 5  FAG A "C5'"  1 
HETATM 135 C "C4'"  . FAG A 1 5  ? 6.293   0.893   -2.234  1.00 0.00 ? 5  FAG A "C4'"  1 
HETATM 136 O "O4'"  . FAG A 1 5  ? 4.925   1.047   -1.989  1.00 0.00 ? 5  FAG A "O4'"  1 
HETATM 137 C "C1'"  . FAG A 1 5  ? 4.346   0.160   -2.907  1.00 0.00 ? 5  FAG A "C1'"  1 
HETATM 138 N N9     . FAG A 1 5  ? 2.906   0.469   -3.022  1.00 0.00 ? 5  FAG A N9     1 
HETATM 139 C C4     . FAG A 1 5  ? 1.999   0.424   -2.014  1.00 0.00 ? 5  FAG A C4     1 
HETATM 140 N N3     . FAG A 1 5  ? 2.171   -0.382  -0.967  1.00 0.00 ? 5  FAG A N3     1 
HETATM 141 C C2     . FAG A 1 5  ? 1.145   -0.438  -0.151  1.00 0.00 ? 5  FAG A C2     1 
HETATM 142 N N2     . FAG A 1 5  ? 1.143   -1.225  0.870   1.00 0.00 ? 5  FAG A N2     1 
HETATM 143 N N1     . FAG A 1 5  ? 0.025   0.268   -0.323  1.00 0.00 ? 5  FAG A N1     1 
HETATM 144 C C6     . FAG A 1 5  ? -0.196  1.055   -1.402  1.00 0.00 ? 5  FAG A C6     1 
HETATM 145 O O6     . FAG A 1 5  ? -1.292  1.600   -1.499  1.00 0.00 ? 5  FAG A O6     1 
HETATM 146 C C5     . FAG A 1 5  ? 0.916   1.173   -2.321  1.00 0.00 ? 5  FAG A C5     1 
HETATM 147 N N7     . FAG A 1 5  ? 0.738   1.989   -3.403  1.00 0.00 ? 5  FAG A N7     1 
HETATM 148 C C8     . FAG A 1 5  ? 0.194   1.218   -4.418  1.00 0.00 ? 5  FAG A C8     1 
HETATM 149 O O8     . FAG A 1 5  ? 0.212   1.606   -5.602  1.00 0.00 ? 5  FAG A O8     1 
HETATM 150 C "C2'"  . FAG A 1 5  ? 5.110   0.442   -4.207  1.00 0.00 ? 5  FAG A "C2'"  1 
HETATM 151 C "C3'"  . FAG A 1 5  ? 6.559   0.323   -3.666  1.00 0.00 ? 5  FAG A "C3'"  1 
HETATM 152 O "O3'"  . FAG A 1 5  ? 6.973   -1.037  -3.703  1.00 0.00 ? 5  FAG A "O3'"  1 
HETATM 153 C C8A    . FAG A 1 5  ? 1.120   3.409   -3.503  1.00 0.00 ? 5  FAG A C8A    1 
HETATM 154 C C9     . FAG A 1 5  ? 0.001   4.280   -2.877  1.00 0.00 ? 5  FAG A C9     1 
HETATM 155 O O9     . FAG A 1 5  ? -0.304  5.433   -3.650  1.00 0.00 ? 5  FAG A O9     1 
HETATM 156 C C9A    . FAG A 1 5  ? 0.621   4.742   -1.528  1.00 0.00 ? 5  FAG A C9A    1 
HETATM 157 C C9B    . FAG A 1 5  ? 0.641   3.976   -0.289  1.00 0.00 ? 5  FAG A C9B    1 
HETATM 158 O O7     . FAG A 1 5  ? 2.307   4.080   -3.163  1.00 0.00 ? 5  FAG A O7     1 
HETATM 159 C C6A    . FAG A 1 5  ? 2.088   4.758   -1.953  1.00 0.00 ? 5  FAG A C6A    1 
HETATM 160 O O6A    . FAG A 1 5  ? 2.789   3.903   -1.055  1.00 0.00 ? 5  FAG A O6A    1 
HETATM 161 C C5M    . FAG A 1 5  ? 1.918   3.589   -0.092  1.00 0.00 ? 5  FAG A C5M    1 
HETATM 162 C C5B    . FAG A 1 5  ? 2.178   2.968   1.122   1.00 0.00 ? 5  FAG A C5B    1 
HETATM 163 C C4B    . FAG A 1 5  ? 1.136   2.684   2.019   1.00 0.00 ? 5  FAG A C4B    1 
HETATM 164 O O4     . FAG A 1 5  ? 1.406   2.146   3.204   1.00 0.00 ? 5  FAG A O4     1 
HETATM 165 C CM     . FAG A 1 5  ? 2.405   1.185   3.515   1.00 0.00 ? 5  FAG A CM     1 
HETATM 166 C C4A    . FAG A 1 5  ? -0.194  3.100   1.727   1.00 0.00 ? 5  FAG A C4A    1 
HETATM 167 C CAA    . FAG A 1 5  ? -0.393  3.766   0.555   1.00 0.00 ? 5  FAG A CAA    1 
HETATM 168 O O10    . FAG A 1 5  ? -1.602  4.251   0.265   1.00 0.00 ? 5  FAG A O10    1 
HETATM 169 C C11    . FAG A 1 5  ? -2.703  4.056   1.001   1.00 0.00 ? 5  FAG A C11    1 
HETATM 170 O O11    . FAG A 1 5  ? -3.788  4.501   0.611   1.00 0.00 ? 5  FAG A O11    1 
HETATM 171 C CBA    . FAG A 1 5  ? -2.526  3.337   2.207   1.00 0.00 ? 5  FAG A CBA    1 
HETATM 172 H H31    . FAG A 1 5  ? -0.734  2.698   4.535   1.00 0.00 ? 5  FAG A H31    1 
HETATM 173 H H32    . FAG A 1 5  ? -1.008  1.193   3.689   1.00 0.00 ? 5  FAG A H32    1 
HETATM 174 H H2A1   . FAG A 1 5  ? -2.952  2.786   5.170   1.00 0.00 ? 5  FAG A H2A1   1 
HETATM 175 H H2A2   . FAG A 1 5  ? -3.233  1.227   4.323   1.00 0.00 ? 5  FAG A H2A2   1 
HETATM 176 H "H5'1" . FAG A 1 5  ? 6.991   2.665   -1.208  1.00 0.00 ? 5  FAG A "H5'1" 1 
HETATM 177 H "H5'2" . FAG A 1 5  ? 8.158   2.013   -2.364  1.00 0.00 ? 5  FAG A "H5'2" 1 
HETATM 178 H "H4'"  . FAG A 1 5  ? 6.721   0.220   -1.492  1.00 0.00 ? 5  FAG A "H4'"  1 
HETATM 179 H "H1'"  . FAG A 1 5  ? 4.505   -0.872  -2.592  1.00 0.00 ? 5  FAG A "H1'"  1 
HETATM 180 H HN9    . FAG A 1 5  ? 2.550   0.165   -3.916  1.00 0.00 ? 5  FAG A HN9    1 
HETATM 181 H HN21   . FAG A 1 5  ? 1.854   -1.938  0.954   1.00 0.00 ? 5  FAG A HN21   1 
HETATM 182 H HN22   . FAG A 1 5  ? 0.324   -1.219  1.461   1.00 0.00 ? 5  FAG A HN22   1 
HETATM 183 H H1     . FAG A 1 5  ? -0.785  0.104   0.260   1.00 0.00 ? 5  FAG A H1     1 
HETATM 184 H H8     . FAG A 1 5  ? -0.268  0.271   -4.181  1.00 0.00 ? 5  FAG A H8     1 
HETATM 185 H "H2'1" . FAG A 1 5  ? 4.919   1.443   -4.593  1.00 0.00 ? 5  FAG A "H2'1" 1 
HETATM 186 H "H2'2" . FAG A 1 5  ? 4.887   -0.332  -4.941  1.00 0.00 ? 5  FAG A "H2'2" 1 
HETATM 187 H "H3'"  . FAG A 1 5  ? 7.231   0.950   -4.251  1.00 0.00 ? 5  FAG A "H3'"  1 
HETATM 188 H H8A    . FAG A 1 5  ? 1.042   3.626   -4.569  1.00 0.00 ? 5  FAG A H8A    1 
HETATM 189 H H9     . FAG A 1 5  ? -0.892  3.668   -2.740  1.00 0.00 ? 5  FAG A H9     1 
HETATM 190 H HO9    . FAG A 1 5  ? -0.875  5.184   -4.380  1.00 0.00 ? 5  FAG A HO9    1 
HETATM 191 H H9A    . FAG A 1 5  ? 0.314   5.777   -1.381  1.00 0.00 ? 5  FAG A H9A    1 
HETATM 192 H H6A    . FAG A 1 5  ? 2.556   5.741   -1.933  1.00 0.00 ? 5  FAG A H6A    1 
HETATM 193 H H5B    . FAG A 1 5  ? 3.206   2.731   1.350   1.00 0.00 ? 5  FAG A H5B    1 
HETATM 194 H HM1    . FAG A 1 5  ? 3.395   1.629   3.411   1.00 0.00 ? 5  FAG A HM1    1 
HETATM 195 H HM2    . FAG A 1 5  ? 2.288   0.307   2.880   1.00 0.00 ? 5  FAG A HM2    1 
HETATM 196 H HM3    . FAG A 1 5  ? 2.257   0.888   4.554   1.00 0.00 ? 5  FAG A HM3    1 
ATOM   197 P P      . DT  A 1 6  ? 8.449   -1.513  -3.248  1.00 0.00 ? 6  DT  A P      1 
ATOM   198 O OP1    . DT  A 1 6  ? 9.251   -0.336  -2.859  1.00 0.00 ? 6  DT  A OP1    1 
ATOM   199 O OP2    . DT  A 1 6  ? 8.970   -2.423  -4.292  1.00 0.00 ? 6  DT  A OP2    1 
ATOM   200 O "O5'"  . DT  A 1 6  ? 8.109   -2.356  -1.929  1.00 0.00 ? 6  DT  A "O5'"  1 
ATOM   201 C "C5'"  . DT  A 1 6  ? 7.712   -3.712  -1.968  1.00 0.00 ? 6  DT  A "C5'"  1 
ATOM   202 C "C4'"  . DT  A 1 6  ? 6.964   -4.099  -0.652  1.00 0.00 ? 6  DT  A "C4'"  1 
ATOM   203 O "O4'"  . DT  A 1 6  ? 5.677   -3.515  -0.623  1.00 0.00 ? 6  DT  A "O4'"  1 
ATOM   204 C "C3'"  . DT  A 1 6  ? 6.853   -5.635  -0.771  1.00 0.00 ? 6  DT  A "C3'"  1 
ATOM   205 O "O3'"  . DT  A 1 6  ? 6.769   -6.220  0.535   1.00 0.00 ? 6  DT  A "O3'"  1 
ATOM   206 C "C2'"  . DT  A 1 6  ? 5.542   -5.709  -1.575  1.00 0.00 ? 6  DT  A "C2'"  1 
ATOM   207 C "C1'"  . DT  A 1 6  ? 4.757   -4.559  -0.917  1.00 0.00 ? 6  DT  A "C1'"  1 
ATOM   208 N N1     . DT  A 1 6  ? 3.640   -4.025  -1.751  1.00 0.00 ? 6  DT  A N1     1 
ATOM   209 C C2     . DT  A 1 6  ? 2.388   -3.877  -1.140  1.00 0.00 ? 6  DT  A C2     1 
ATOM   210 O O2     . DT  A 1 6  ? 2.121   -4.172  0.019   1.00 0.00 ? 6  DT  A O2     1 
ATOM   211 N N3     . DT  A 1 6  ? 1.387   -3.365  -1.929  1.00 0.00 ? 6  DT  A N3     1 
ATOM   212 C C4     . DT  A 1 6  ? 1.531   -2.889  -3.220  1.00 0.00 ? 6  DT  A C4     1 
ATOM   213 O O4     . DT  A 1 6  ? 0.556   -2.403  -3.767  1.00 0.00 ? 6  DT  A O4     1 
ATOM   214 C C5     . DT  A 1 6  ? 2.859   -3.072  -3.798  1.00 0.00 ? 6  DT  A C5     1 
ATOM   215 C C7     . DT  A 1 6  ? 3.124   -2.659  -5.236  1.00 0.00 ? 6  DT  A C7     1 
ATOM   216 C C6     . DT  A 1 6  ? 3.850   -3.640  -3.055  1.00 0.00 ? 6  DT  A C6     1 
ATOM   217 H "H5'"  . DT  A 1 6  ? 8.611   -4.305  -2.142  1.00 0.00 ? 6  DT  A "H5'"  1 
ATOM   218 H "H5''" . DT  A 1 6  ? 7.053   -3.849  -2.826  1.00 0.00 ? 6  DT  A "H5''" 1 
ATOM   219 H "H4'"  . DT  A 1 6  ? 7.579   -3.803  0.197   1.00 0.00 ? 6  DT  A "H4'"  1 
ATOM   220 H "H3'"  . DT  A 1 6  ? 7.690   -6.074  -1.315  1.00 0.00 ? 6  DT  A "H3'"  1 
ATOM   221 H "H2'"  . DT  A 1 6  ? 5.714   -5.573  -2.643  1.00 0.00 ? 6  DT  A "H2'"  1 
ATOM   222 H "H2''" . DT  A 1 6  ? 5.062   -6.672  -1.398  1.00 0.00 ? 6  DT  A "H2''" 1 
ATOM   223 H "H1'"  . DT  A 1 6  ? 4.353   -4.942  0.020   1.00 0.00 ? 6  DT  A "H1'"  1 
ATOM   224 H H3     . DT  A 1 6  ? 0.492   -3.190  -1.494  1.00 0.00 ? 6  DT  A H3     1 
ATOM   225 H H71    . DT  A 1 6  ? 4.160   -2.820  -5.535  1.00 0.00 ? 6  DT  A H71    1 
ATOM   226 H H72    . DT  A 1 6  ? 2.455   -3.216  -5.891  1.00 0.00 ? 6  DT  A H72    1 
ATOM   227 H H73    . DT  A 1 6  ? 2.937   -1.593  -5.360  1.00 0.00 ? 6  DT  A H73    1 
ATOM   228 H H6     . DT  A 1 6  ? 4.833   -3.741  -3.490  1.00 0.00 ? 6  DT  A H6     1 
ATOM   229 P P      . DT  A 1 7  ? 6.672   -7.808  0.752   1.00 0.00 ? 7  DT  A P      1 
ATOM   230 O OP1    . DT  A 1 7  ? 7.298   -8.131  2.054   1.00 0.00 ? 7  DT  A OP1    1 
ATOM   231 O OP2    . DT  A 1 7  ? 7.154   -8.494  -0.473  1.00 0.00 ? 7  DT  A OP2    1 
ATOM   232 O "O5'"  . DT  A 1 7  ? 5.062   -8.041  0.905   1.00 0.00 ? 7  DT  A "O5'"  1 
ATOM   233 C "C5'"  . DT  A 1 7  ? 4.399   -7.709  2.113   1.00 0.00 ? 7  DT  A "C5'"  1 
ATOM   234 C "C4'"  . DT  A 1 7  ? 2.850   -7.853  2.072   1.00 0.00 ? 7  DT  A "C4'"  1 
ATOM   235 O "O4'"  . DT  A 1 7  ? 2.310   -7.089  1.020   1.00 0.00 ? 7  DT  A "O4'"  1 
ATOM   236 C "C3'"  . DT  A 1 7  ? 2.610   -9.365  1.844   1.00 0.00 ? 7  DT  A "C3'"  1 
ATOM   237 O "O3'"  . DT  A 1 7  ? 1.563   -9.794  2.707   1.00 0.00 ? 7  DT  A "O3'"  1 
ATOM   238 C "C2'"  . DT  A 1 7  ? 2.240   -9.321  0.338   1.00 0.00 ? 7  DT  A "C2'"  1 
ATOM   239 C "C1'"  . DT  A 1 7  ? 1.495   -7.970  0.309   1.00 0.00 ? 7  DT  A "C1'"  1 
ATOM   240 N N1     . DT  A 1 7  ? 1.261   -7.392  -1.040  1.00 0.00 ? 7  DT  A N1     1 
ATOM   241 C C2     . DT  A 1 7  ? 0.000   -6.802  -1.298  1.00 0.00 ? 7  DT  A C2     1 
ATOM   242 O O2     . DT  A 1 7  ? -0.905  -6.752  -0.480  1.00 0.00 ? 7  DT  A O2     1 
ATOM   243 N N3     . DT  A 1 7  ? -0.188  -6.269  -2.555  1.00 0.00 ? 7  DT  A N3     1 
ATOM   244 C C4     . DT  A 1 7  ? 0.734   -6.243  -3.573  1.00 0.00 ? 7  DT  A C4     1 
ATOM   245 O O4     . DT  A 1 7  ? 0.438   -5.692  -4.631  1.00 0.00 ? 7  DT  A O4     1 
ATOM   246 C C5     . DT  A 1 7  ? 2.012   -6.892  -3.247  1.00 0.00 ? 7  DT  A C5     1 
ATOM   247 C C7     . DT  A 1 7  ? 3.135   -6.956  -4.264  1.00 0.00 ? 7  DT  A C7     1 
ATOM   248 C C6     . DT  A 1 7  ? 2.235   -7.438  -2.017  1.00 0.00 ? 7  DT  A C6     1 
ATOM   249 H "H5'"  . DT  A 1 7  ? 4.609   -6.661  2.321   1.00 0.00 ? 7  DT  A "H5'"  1 
ATOM   250 H "H5''" . DT  A 1 7  ? 4.783   -8.316  2.933   1.00 0.00 ? 7  DT  A "H5''" 1 
ATOM   251 H "H4'"  . DT  A 1 7  ? 2.428   -7.547  3.029   1.00 0.00 ? 7  DT  A "H4'"  1 
ATOM   252 H "H3'"  . DT  A 1 7  ? 3.524   -9.941  1.988   1.00 0.00 ? 7  DT  A "H3'"  1 
ATOM   253 H "H2'"  . DT  A 1 7  ? 3.143   -9.298  -0.272  1.00 0.00 ? 7  DT  A "H2'"  1 
ATOM   254 H "H2''" . DT  A 1 7  ? 1.581   -10.133 0.027   1.00 0.00 ? 7  DT  A "H2''" 1 
ATOM   255 H "H1'"  . DT  A 1 7  ? 0.544   -8.072  0.835   1.00 0.00 ? 7  DT  A "H1'"  1 
ATOM   256 H H3     . DT  A 1 7  ? -1.105  -5.906  -2.773  1.00 0.00 ? 7  DT  A H3     1 
ATOM   257 H H71    . DT  A 1 7  ? 2.792   -7.508  -5.140  1.00 0.00 ? 7  DT  A H71    1 
ATOM   258 H H72    . DT  A 1 7  ? 4.012   -7.443  -3.839  1.00 0.00 ? 7  DT  A H72    1 
ATOM   259 H H73    . DT  A 1 7  ? 3.417   -5.953  -4.585  1.00 0.00 ? 7  DT  A H73    1 
ATOM   260 H H6     . DT  A 1 7  ? 3.188   -7.874  -1.757  1.00 0.00 ? 7  DT  A H6     1 
ATOM   261 P P      . DT  A 1 8  ? 0.937   -11.290 2.679   1.00 0.00 ? 8  DT  A P      1 
ATOM   262 O OP1    . DT  A 1 8  ? 0.629   -11.711 4.080   1.00 0.00 ? 8  DT  A OP1    1 
ATOM   263 O OP2    . DT  A 1 8  ? 1.812   -12.149 1.856   1.00 0.00 ? 8  DT  A OP2    1 
ATOM   264 O "O5'"  . DT  A 1 8  ? -0.461  -11.034 1.915   1.00 0.00 ? 8  DT  A "O5'"  1 
ATOM   265 C "C5'"  . DT  A 1 8  ? -1.486  -10.214 2.513   1.00 0.00 ? 8  DT  A "C5'"  1 
ATOM   266 C "C4'"  . DT  A 1 8  ? -2.671  -9.866  1.590   1.00 0.00 ? 8  DT  A "C4'"  1 
ATOM   267 O "O4'"  . DT  A 1 8  ? -2.304  -9.360  0.340   1.00 0.00 ? 8  DT  A "O4'"  1 
ATOM   268 C "C3'"  . DT  A 1 8  ? -3.412  -11.216 1.424   1.00 0.00 ? 8  DT  A "C3'"  1 
ATOM   269 O "O3'"  . DT  A 1 8  ? -4.832  -10.995 1.528   1.00 0.00 ? 8  DT  A "O3'"  1 
ATOM   270 C "C2'"  . DT  A 1 8  ? -2.950  -11.593 -0.007  1.00 0.00 ? 8  DT  A "C2'"  1 
ATOM   271 C "C1'"  . DT  A 1 8  ? -2.923  -10.187 -0.598  1.00 0.00 ? 8  DT  A "C1'"  1 
ATOM   272 N N1     . DT  A 1 8  ? -2.178  -10.034 -1.867  1.00 0.00 ? 8  DT  A N1     1 
ATOM   273 C C2     . DT  A 1 8  ? -2.828  -9.389  -2.937  1.00 0.00 ? 8  DT  A C2     1 
ATOM   274 O O2     . DT  A 1 8  ? -4.018  -9.092  -2.953  1.00 0.00 ? 8  DT  A O2     1 
ATOM   275 N N3     . DT  A 1 8  ? -2.068  -9.061  -4.025  1.00 0.00 ? 8  DT  A N3     1 
ATOM   276 C C4     . DT  A 1 8  ? -0.764  -9.423  -4.243  1.00 0.00 ? 8  DT  A C4     1 
ATOM   277 O O4     . DT  A 1 8  ? -0.233  -9.093  -5.290  1.00 0.00 ? 8  DT  A O4     1 
ATOM   278 C C5     . DT  A 1 8  ? -0.155  -10.170 -3.139  1.00 0.00 ? 8  DT  A C5     1 
ATOM   279 C C7     . DT  A 1 8  ? 1.285   -10.629 -3.241  1.00 0.00 ? 8  DT  A C7     1 
ATOM   280 C C6     . DT  A 1 8  ? -0.859  -10.439 -2.009  1.00 0.00 ? 8  DT  A C6     1 
ATOM   281 H "H5'"  . DT  A 1 8  ? -1.039  -9.256  2.780   1.00 0.00 ? 8  DT  A "H5'"  1 
ATOM   282 H "H5''" . DT  A 1 8  ? -1.835  -10.676 3.437   1.00 0.00 ? 8  DT  A "H5''" 1 
ATOM   283 H "H4'"  . DT  A 1 8  ? -3.324  -9.166  2.112   1.00 0.00 ? 8  DT  A "H4'"  1 
ATOM   284 H "H3'"  . DT  A 1 8  ? -3.077  -11.970 2.137   1.00 0.00 ? 8  DT  A "H3'"  1 
ATOM   285 H "H2'"  . DT  A 1 8  ? -1.974  -12.076 -0.016  1.00 0.00 ? 8  DT  A "H2'"  1 
ATOM   286 H "H2''" . DT  A 1 8  ? -3.712  -12.209 -0.485  1.00 0.00 ? 8  DT  A "H2''" 1 
ATOM   287 H "H1'"  . DT  A 1 8  ? -3.958  -9.880  -0.741  1.00 0.00 ? 8  DT  A "H1'"  1 
ATOM   288 H H3     . DT  A 1 8  ? -2.530  -8.569  -4.777  1.00 0.00 ? 8  DT  A H3     1 
ATOM   289 H H71    . DT  A 1 8  ? 1.654   -11.026 -2.295  1.00 0.00 ? 8  DT  A H71    1 
ATOM   290 H H72    . DT  A 1 8  ? 1.935   -9.800  -3.523  1.00 0.00 ? 8  DT  A H72    1 
ATOM   291 H H73    . DT  A 1 8  ? 1.333   -11.393 -4.017  1.00 0.00 ? 8  DT  A H73    1 
ATOM   292 H H6     . DT  A 1 8  ? -0.346  -10.916 -1.188  1.00 0.00 ? 8  DT  A H6     1 
ATOM   293 P P      . DC  A 1 9  ? -5.910  -12.173 1.551   1.00 0.00 ? 9  DC  A P      1 
ATOM   294 O OP1    . DC  A 1 9  ? -6.905  -11.863 2.612   1.00 0.00 ? 9  DC  A OP1    1 
ATOM   295 O OP2    . DC  A 1 9  ? -5.166  -13.461 1.597   1.00 0.00 ? 9  DC  A OP2    1 
ATOM   296 O "O5'"  . DC  A 1 9  ? -6.618  -12.039 0.092   1.00 0.00 ? 9  DC  A "O5'"  1 
ATOM   297 C "C5'"  . DC  A 1 9  ? -7.559  -11.000 -0.185  1.00 0.00 ? 9  DC  A "C5'"  1 
ATOM   298 C "C4'"  . DC  A 1 9  ? -8.101  -10.927 -1.636  1.00 0.00 ? 9  DC  A "C4'"  1 
ATOM   299 O "O4'"  . DC  A 1 9  ? -7.058  -10.692 -2.556  1.00 0.00 ? 9  DC  A "O4'"  1 
ATOM   300 C "C3'"  . DC  A 1 9  ? -8.728  -12.322 -1.904  1.00 0.00 ? 9  DC  A "C3'"  1 
ATOM   301 O "O3'"  . DC  A 1 9  ? -9.892  -12.214 -2.713  1.00 0.00 ? 9  DC  A "O3'"  1 
ATOM   302 C "C2'"  . DC  A 1 9  ? -7.556  -12.986 -2.658  1.00 0.00 ? 9  DC  A "C2'"  1 
ATOM   303 C "C1'"  . DC  A 1 9  ? -7.072  -11.772 -3.464  1.00 0.00 ? 9  DC  A "C1'"  1 
ATOM   304 N N1     . DC  A 1 9  ? -5.692  -11.951 -4.025  1.00 0.00 ? 9  DC  A N1     1 
ATOM   305 C C2     . DC  A 1 9  ? -5.398  -11.480 -5.318  1.00 0.00 ? 9  DC  A C2     1 
ATOM   306 O O2     . DC  A 1 9  ? -6.245  -10.940 -6.042  1.00 0.00 ? 9  DC  A O2     1 
ATOM   307 N N3     . DC  A 1 9  ? -4.141  -11.604 -5.836  1.00 0.00 ? 9  DC  A N3     1 
ATOM   308 C C4     . DC  A 1 9  ? -3.199  -12.098 -5.072  1.00 0.00 ? 9  DC  A C4     1 
ATOM   309 N N4     . DC  A 1 9  ? -2.018  -12.165 -5.620  1.00 0.00 ? 9  DC  A N4     1 
ATOM   310 C C5     . DC  A 1 9  ? -3.405  -12.525 -3.741  1.00 0.00 ? 9  DC  A C5     1 
ATOM   311 C C6     . DC  A 1 9  ? -4.665  -12.439 -3.254  1.00 0.00 ? 9  DC  A C6     1 
ATOM   312 H "H5'"  . DC  A 1 9  ? -7.107  -10.039 0.063   1.00 0.00 ? 9  DC  A "H5'"  1 
ATOM   313 H "H5''" . DC  A 1 9  ? -8.417  -11.164 0.467   1.00 0.00 ? 9  DC  A "H5''" 1 
ATOM   314 H "H4'"  . DC  A 1 9  ? -8.874  -10.164 -1.719  1.00 0.00 ? 9  DC  A "H4'"  1 
ATOM   315 H "H3'"  . DC  A 1 9  ? -8.916  -12.872 -0.982  1.00 0.00 ? 9  DC  A "H3'"  1 
ATOM   316 H "H2'"  . DC  A 1 9  ? -6.826  -13.370 -1.945  1.00 0.00 ? 9  DC  A "H2'"  1 
ATOM   317 H "H2''" . DC  A 1 9  ? -7.880  -13.806 -3.299  1.00 0.00 ? 9  DC  A "H2''" 1 
ATOM   318 H "H1'"  . DC  A 1 9  ? -7.791  -11.563 -4.256  1.00 0.00 ? 9  DC  A "H1'"  1 
ATOM   319 H H41    . DC  A 1 9  ? -1.226  -12.541 -5.117  1.00 0.00 ? 9  DC  A H41    1 
ATOM   320 H H42    . DC  A 1 9  ? -1.945  -11.739 -6.533  1.00 0.00 ? 9  DC  A H42    1 
ATOM   321 H H5     . DC  A 1 9  ? -2.600  -12.901 -3.126  1.00 0.00 ? 9  DC  A H5     1 
ATOM   322 H H6     . DC  A 1 9  ? -4.872  -12.732 -2.235  1.00 0.00 ? 9  DC  A H6     1 
ATOM   323 P P      . DA  A 1 10 ? -11.053 -13.338 -2.700  1.00 0.00 ? 10 DA  A P      1 
ATOM   324 O OP1    . DA  A 1 10 ? -12.166 -12.850 -3.537  1.00 0.00 ? 10 DA  A OP1    1 
ATOM   325 O OP2    . DA  A 1 10 ? -11.319 -13.730 -1.296  1.00 0.00 ? 10 DA  A OP2    1 
ATOM   326 O "O5'"  . DA  A 1 10 ? -10.413 -14.627 -3.434  1.00 0.00 ? 10 DA  A "O5'"  1 
ATOM   327 C "C5'"  . DA  A 1 10 ? -10.594 -14.911 -4.822  1.00 0.00 ? 10 DA  A "C5'"  1 
ATOM   328 C "C4'"  . DA  A 1 10 ? -10.041 -13.801 -5.752  1.00 0.00 ? 10 DA  A "C4'"  1 
ATOM   329 O "O4'"  . DA  A 1 10 ? -8.639  -13.630 -5.702  1.00 0.00 ? 10 DA  A "O4'"  1 
ATOM   330 C "C3'"  . DA  A 1 10 ? -10.382 -14.425 -7.137  1.00 0.00 ? 10 DA  A "C3'"  1 
ATOM   331 O "O3'"  . DA  A 1 10 ? -10.783 -13.454 -8.105  1.00 0.00 ? 10 DA  A "O3'"  1 
ATOM   332 C "C2'"  . DA  A 1 10 ? -9.004  -15.034 -7.510  1.00 0.00 ? 10 DA  A "C2'"  1 
ATOM   333 C "C1'"  . DA  A 1 10 ? -8.152  -13.892 -6.989  1.00 0.00 ? 10 DA  A "C1'"  1 
ATOM   334 N N9     . DA  A 1 10 ? -6.726  -14.260 -6.930  1.00 0.00 ? 10 DA  A N9     1 
ATOM   335 C C8     . DA  A 1 10 ? -6.104  -15.151 -6.073  1.00 0.00 ? 10 DA  A C8     1 
ATOM   336 N N7     . DA  A 1 10 ? -4.831  -15.308 -6.301  1.00 0.00 ? 10 DA  A N7     1 
ATOM   337 C C5     . DA  A 1 10 ? -4.590  -14.485 -7.424  1.00 0.00 ? 10 DA  A C5     1 
ATOM   338 C C6     . DA  A 1 10 ? -3.452  -14.145 -8.197  1.00 0.00 ? 10 DA  A C6     1 
ATOM   339 N N6     . DA  A 1 10 ? -2.212  -14.554 -8.011  1.00 0.00 ? 10 DA  A N6     1 
ATOM   340 N N1     . DA  A 1 10 ? -3.564  -13.323 -9.246  1.00 0.00 ? 10 DA  A N1     1 
ATOM   341 C C2     . DA  A 1 10 ? -4.759  -12.851 -9.553  1.00 0.00 ? 10 DA  A C2     1 
ATOM   342 N N3     . DA  A 1 10 ? -5.896  -13.049 -8.897  1.00 0.00 ? 10 DA  A N3     1 
ATOM   343 C C4     . DA  A 1 10 ? -5.737  -13.865 -7.826  1.00 0.00 ? 10 DA  A C4     1 
ATOM   344 H "H5'"  . DA  A 1 10 ? -11.665 -14.989 -5.006  1.00 0.00 ? 10 DA  A "H5'"  1 
ATOM   345 H "H5''" . DA  A 1 10 ? -10.127 -15.870 -5.042  1.00 0.00 ? 10 DA  A "H5''" 1 
ATOM   346 H "H4'"  . DA  A 1 10 ? -10.581 -12.863 -5.622  1.00 0.00 ? 10 DA  A "H4'"  1 
ATOM   347 H "H3'"  . DA  A 1 10 ? -11.103 -15.239 -7.070  1.00 0.00 ? 10 DA  A "H3'"  1 
ATOM   348 H "HO3'" . DA  A 1 10 ? -11.677 -13.159 -7.912  1.00 0.00 ? 10 DA  A "HO3'" 1 
ATOM   349 H "H2'"  . DA  A 1 10 ? -8.819  -15.968 -6.978  1.00 0.00 ? 10 DA  A "H2'"  1 
ATOM   350 H "H2''" . DA  A 1 10 ? -8.890  -15.136 -8.589  1.00 0.00 ? 10 DA  A "H2''" 1 
ATOM   351 H "H1'"  . DA  A 1 10 ? -8.271  -13.022 -7.634  1.00 0.00 ? 10 DA  A "H1'"  1 
ATOM   352 H H8     . DA  A 1 10 ? -6.669  -15.645 -5.296  1.00 0.00 ? 10 DA  A H8     1 
ATOM   353 H H61    . DA  A 1 10 ? -1.995  -15.208 -7.273  1.00 0.00 ? 10 DA  A H61    1 
ATOM   354 H H62    . DA  A 1 10 ? -1.493  -14.136 -8.585  1.00 0.00 ? 10 DA  A H62    1 
ATOM   355 H H2     . DA  A 1 10 ? -4.811  -12.222 -10.429 1.00 0.00 ? 10 DA  A H2     1 
ATOM   356 O "O5'"  . DT  B 2 1  ? 0.965   -11.031 -16.963 1.00 0.00 ? 11 DT  B "O5'"  1 
ATOM   357 C "C5'"  . DT  B 2 1  ? -0.366  -10.815 -17.415 1.00 0.00 ? 11 DT  B "C5'"  1 
ATOM   358 C "C4'"  . DT  B 2 1  ? -1.360  -10.366 -16.323 1.00 0.00 ? 11 DT  B "C4'"  1 
ATOM   359 O "O4'"  . DT  B 2 1  ? -1.428  -11.230 -15.230 1.00 0.00 ? 11 DT  B "O4'"  1 
ATOM   360 C "C3'"  . DT  B 2 1  ? -0.761  -8.986  -15.920 1.00 0.00 ? 11 DT  B "C3'"  1 
ATOM   361 O "O3'"  . DT  B 2 1  ? -1.738  -7.980  -15.734 1.00 0.00 ? 11 DT  B "O3'"  1 
ATOM   362 C "C2'"  . DT  B 2 1  ? -0.185  -9.364  -14.522 1.00 0.00 ? 11 DT  B "C2'"  1 
ATOM   363 C "C1'"  . DT  B 2 1  ? -1.242  -10.398 -14.115 1.00 0.00 ? 11 DT  B "C1'"  1 
ATOM   364 N N1     . DT  B 2 1  ? -0.857  -11.232 -12.938 1.00 0.00 ? 11 DT  B N1     1 
ATOM   365 C C2     . DT  B 2 1  ? -1.828  -11.499 -11.984 1.00 0.00 ? 11 DT  B C2     1 
ATOM   366 O O2     . DT  B 2 1  ? -2.985  -11.082 -12.050 1.00 0.00 ? 11 DT  B O2     1 
ATOM   367 N N3     . DT  B 2 1  ? -1.449  -12.263 -10.912 1.00 0.00 ? 11 DT  B N3     1 
ATOM   368 C C4     . DT  B 2 1  ? -0.201  -12.796 -10.702 1.00 0.00 ? 11 DT  B C4     1 
ATOM   369 O O4     . DT  B 2 1  ? 0.001   -13.420 -9.653  1.00 0.00 ? 11 DT  B O4     1 
ATOM   370 C C5     . DT  B 2 1  ? 0.773   -12.524 -11.767 1.00 0.00 ? 11 DT  B C5     1 
ATOM   371 C C7     . DT  B 2 1  ? 2.200   -13.032 -11.642 1.00 0.00 ? 11 DT  B C7     1 
ATOM   372 C C6     . DT  B 2 1  ? 0.398   -11.791 -12.850 1.00 0.00 ? 11 DT  B C6     1 
ATOM   373 H "H5'"  . DT  B 2 1  ? -0.727  -11.752 -17.839 1.00 0.00 ? 11 DT  B "H5'"  1 
ATOM   374 H "H5''" . DT  B 2 1  ? -0.354  -10.092 -18.229 1.00 0.00 ? 11 DT  B "H5''" 1 
ATOM   375 H "H4'"  . DT  B 2 1  ? -2.349  -10.254 -16.767 1.00 0.00 ? 11 DT  B "H4'"  1 
ATOM   376 H "H3'"  . DT  B 2 1  ? 0.049   -8.641  -16.563 1.00 0.00 ? 11 DT  B "H3'"  1 
ATOM   377 H "H2'"  . DT  B 2 1  ? 0.814   -9.789  -14.626 1.00 0.00 ? 11 DT  B "H2'"  1 
ATOM   378 H "H2''" . DT  B 2 1  ? -0.152  -8.508  -13.847 1.00 0.00 ? 11 DT  B "H2''" 1 
ATOM   379 H "H1'"  . DT  B 2 1  ? -2.182  -9.890  -13.897 1.00 0.00 ? 11 DT  B "H1'"  1 
ATOM   380 H H3     . DT  B 2 1  ? -2.177  -12.511 -10.258 1.00 0.00 ? 11 DT  B H3     1 
ATOM   381 H H71    . DT  B 2 1  ? 2.669   -12.571 -10.773 1.00 0.00 ? 11 DT  B H71    1 
ATOM   382 H H72    . DT  B 2 1  ? 2.798   -12.760 -12.513 1.00 0.00 ? 11 DT  B H72    1 
ATOM   383 H H73    . DT  B 2 1  ? 2.189   -14.114 -11.516 1.00 0.00 ? 11 DT  B H73    1 
ATOM   384 H H6     . DT  B 2 1  ? 1.128   -11.612 -13.625 1.00 0.00 ? 11 DT  B H6     1 
ATOM   385 H "HO5'" . DT  B 2 1  ? 1.507   -11.305 -17.706 1.00 0.00 ? 11 DT  B "HO5'" 1 
ATOM   386 P P      . DG  B 2 2  ? -2.400  -7.126  -16.937 1.00 0.00 ? 12 DG  B P      1 
ATOM   387 O OP1    . DG  B 2 2  ? -3.013  -8.076  -17.901 1.00 0.00 ? 12 DG  B OP1    1 
ATOM   388 O OP2    . DG  B 2 2  ? -1.393  -6.164  -17.441 1.00 0.00 ? 12 DG  B OP2    1 
ATOM   389 O "O5'"  . DG  B 2 2  ? -3.573  -6.320  -16.202 1.00 0.00 ? 12 DG  B "O5'"  1 
ATOM   390 C "C5'"  . DG  B 2 2  ? -3.307  -5.366  -15.170 1.00 0.00 ? 12 DG  B "C5'"  1 
ATOM   391 C "C4'"  . DG  B 2 2  ? -4.210  -5.599  -13.938 1.00 0.00 ? 12 DG  B "C4'"  1 
ATOM   392 O "O4'"  . DG  B 2 2  ? -3.896  -6.764  -13.219 1.00 0.00 ? 12 DG  B "O4'"  1 
ATOM   393 C "C3'"  . DG  B 2 2  ? -3.867  -4.353  -13.058 1.00 0.00 ? 12 DG  B "C3'"  1 
ATOM   394 O "O3'"  . DG  B 2 2  ? -4.946  -3.884  -12.270 1.00 0.00 ? 12 DG  B "O3'"  1 
ATOM   395 C "C2'"  . DG  B 2 2  ? -2.791  -5.035  -12.162 1.00 0.00 ? 12 DG  B "C2'"  1 
ATOM   396 C "C1'"  . DG  B 2 2  ? -3.554  -6.350  -11.914 1.00 0.00 ? 12 DG  B "C1'"  1 
ATOM   397 N N9     . DG  B 2 2  ? -2.784  -7.371  -11.169 1.00 0.00 ? 12 DG  B N9     1 
ATOM   398 C C8     . DG  B 2 2  ? -1.428  -7.600  -11.165 1.00 0.00 ? 12 DG  B C8     1 
ATOM   399 N N7     . DG  B 2 2  ? -1.027  -8.513  -10.323 1.00 0.00 ? 12 DG  B N7     1 
ATOM   400 C C5     . DG  B 2 2  ? -2.213  -8.914  -9.699  1.00 0.00 ? 12 DG  B C5     1 
ATOM   401 C C6     . DG  B 2 2  ? -2.457  -9.867  -8.637  1.00 0.00 ? 12 DG  B C6     1 
ATOM   402 O O6     . DG  B 2 2  ? -1.679  -10.635 -8.064  1.00 0.00 ? 12 DG  B O6     1 
ATOM   403 N N1     . DG  B 2 2  ? -3.766  -9.945  -8.245  1.00 0.00 ? 12 DG  B N1     1 
ATOM   404 C C2     . DG  B 2 2  ? -4.771  -9.224  -8.822  1.00 0.00 ? 12 DG  B C2     1 
ATOM   405 N N2     . DG  B 2 2  ? -5.988  -9.467  -8.457  1.00 0.00 ? 12 DG  B N2     1 
ATOM   406 N N3     . DG  B 2 2  ? -4.599  -8.347  -9.810  1.00 0.00 ? 12 DG  B N3     1 
ATOM   407 C C4     . DG  B 2 2  ? -3.291  -8.231  -10.217 1.00 0.00 ? 12 DG  B C4     1 
ATOM   408 H "H5'"  . DG  B 2 2  ? -3.475  -4.369  -15.578 1.00 0.00 ? 12 DG  B "H5'"  1 
ATOM   409 H "H5''" . DG  B 2 2  ? -2.269  -5.460  -14.852 1.00 0.00 ? 12 DG  B "H5''" 1 
ATOM   410 H "H4'"  . DG  B 2 2  ? -5.258  -5.586  -14.235 1.00 0.00 ? 12 DG  B "H4'"  1 
ATOM   411 H "H3'"  . DG  B 2 2  ? -3.458  -3.535  -13.650 1.00 0.00 ? 12 DG  B "H3'"  1 
ATOM   412 H "H2'"  . DG  B 2 2  ? -1.849  -5.198  -12.685 1.00 0.00 ? 12 DG  B "H2'"  1 
ATOM   413 H "H2''" . DG  B 2 2  ? -2.616  -4.468  -11.248 1.00 0.00 ? 12 DG  B "H2''" 1 
ATOM   414 H "H1'"  . DG  B 2 2  ? -4.449  -6.128  -11.335 1.00 0.00 ? 12 DG  B "H1'"  1 
ATOM   415 H H8     . DG  B 2 2  ? -0.757  -7.054  -11.812 1.00 0.00 ? 12 DG  B H8     1 
ATOM   416 H H1     . DG  B 2 2  ? -3.995  -10.548 -7.468  1.00 0.00 ? 12 DG  B H1     1 
ATOM   417 H H21    . DG  B 2 2  ? -6.729  -8.930  -8.884  1.00 0.00 ? 12 DG  B H21    1 
ATOM   418 H H22    . DG  B 2 2  ? -6.159  -10.101 -7.689  1.00 0.00 ? 12 DG  B H22    1 
ATOM   419 P P      . DA  B 2 3  ? -6.092  -2.895  -12.848 1.00 0.00 ? 13 DA  B P      1 
ATOM   420 O OP1    . DA  B 2 3  ? -6.633  -3.467  -14.114 1.00 0.00 ? 13 DA  B OP1    1 
ATOM   421 O OP2    . DA  B 2 3  ? -5.597  -1.498  -12.825 1.00 0.00 ? 13 DA  B OP2    1 
ATOM   422 O "O5'"  . DA  B 2 3  ? -7.168  -3.098  -11.687 1.00 0.00 ? 13 DA  B "O5'"  1 
ATOM   423 C "C5'"  . DA  B 2 3  ? -8.064  -4.210  -11.664 1.00 0.00 ? 13 DA  B "C5'"  1 
ATOM   424 C "C4'"  . DA  B 2 3  ? -8.485  -4.753  -10.277 1.00 0.00 ? 13 DA  B "C4'"  1 
ATOM   425 O "O4'"  . DA  B 2 3  ? -7.471  -5.466  -9.621  1.00 0.00 ? 13 DA  B "O4'"  1 
ATOM   426 C "C3'"  . DA  B 2 3  ? -8.884  -3.498  -9.461  1.00 0.00 ? 13 DA  B "C3'"  1 
ATOM   427 O "O3'"  . DA  B 2 3  ? -10.011 -3.801  -8.643  1.00 0.00 ? 13 DA  B "O3'"  1 
ATOM   428 C "C2'"  . DA  B 2 3  ? -7.547  -3.272  -8.702  1.00 0.00 ? 13 DA  B "C2'"  1 
ATOM   429 C "C1'"  . DA  B 2 3  ? -7.131  -4.741  -8.453  1.00 0.00 ? 13 DA  B "C1'"  1 
ATOM   430 N N9     . DA  B 2 3  ? -5.685  -4.906  -8.201  1.00 0.00 ? 13 DA  B N9     1 
ATOM   431 C C8     . DA  B 2 3  ? -4.632  -4.301  -8.823  1.00 0.00 ? 13 DA  B C8     1 
ATOM   432 N N7     . DA  B 2 3  ? -3.452  -4.784  -8.528  1.00 0.00 ? 13 DA  B N7     1 
ATOM   433 C C5     . DA  B 2 3  ? -3.767  -5.805  -7.604  1.00 0.00 ? 13 DA  B C5     1 
ATOM   434 C C6     . DA  B 2 3  ? -3.037  -6.769  -6.873  1.00 0.00 ? 13 DA  B C6     1 
ATOM   435 N N6     . DA  B 2 3  ? -1.739  -6.977  -6.975  1.00 0.00 ? 13 DA  B N6     1 
ATOM   436 N N1     . DA  B 2 3  ? -3.634  -7.604  -6.012  1.00 0.00 ? 13 DA  B N1     1 
ATOM   437 C C2     . DA  B 2 3  ? -4.948  -7.497  -5.860  1.00 0.00 ? 13 DA  B C2     1 
ATOM   438 N N3     . DA  B 2 3  ? -5.768  -6.665  -6.490  1.00 0.00 ? 13 DA  B N3     1 
ATOM   439 C C4     . DA  B 2 3  ? -5.114  -5.834  -7.359  1.00 0.00 ? 13 DA  B C4     1 
ATOM   440 H "H5'"  . DA  B 2 3  ? -7.636  -5.050  -12.210 1.00 0.00 ? 13 DA  B "H5'"  1 
ATOM   441 H "H5''" . DA  B 2 3  ? -8.977  -3.928  -12.191 1.00 0.00 ? 13 DA  B "H5''" 1 
ATOM   442 H "H4'"  . DA  B 2 3  ? -9.372  -5.372  -10.417 1.00 0.00 ? 13 DA  B "H4'"  1 
ATOM   443 H "H3'"  . DA  B 2 3  ? -9.141  -2.676  -10.130 1.00 0.00 ? 13 DA  B "H3'"  1 
ATOM   444 H "H2'"  . DA  B 2 3  ? -6.831  -2.746  -9.335  1.00 0.00 ? 13 DA  B "H2'"  1 
ATOM   445 H "H2''" . DA  B 2 3  ? -7.707  -2.753  -7.758  1.00 0.00 ? 13 DA  B "H2''" 1 
ATOM   446 H "H1'"  . DA  B 2 3  ? -7.704  -5.124  -7.609  1.00 0.00 ? 13 DA  B "H1'"  1 
ATOM   447 H H8     . DA  B 2 3  ? -4.765  -3.469  -9.499  1.00 0.00 ? 13 DA  B H8     1 
ATOM   448 H H61    . DA  B 2 3  ? -1.209  -6.395  -7.607  1.00 0.00 ? 13 DA  B H61    1 
ATOM   449 H H62    . DA  B 2 3  ? -1.284  -7.670  -6.400  1.00 0.00 ? 13 DA  B H62    1 
ATOM   450 H H2     . DA  B 2 3  ? -5.433  -8.185  -5.182  1.00 0.00 ? 13 DA  B H2     1 
ATOM   451 P P      . DA  B 2 4  ? -10.647 -2.781  -7.582  1.00 0.00 ? 14 DA  B P      1 
ATOM   452 O OP1    . DA  B 2 4  ? -12.104 -2.983  -7.635  1.00 0.00 ? 14 DA  B OP1    1 
ATOM   453 O OP2    . DA  B 2 4  ? -10.126 -1.420  -7.791  1.00 0.00 ? 14 DA  B OP2    1 
ATOM   454 O "O5'"  . DA  B 2 4  ? -10.103 -3.326  -6.179  1.00 0.00 ? 14 DA  B "O5'"  1 
ATOM   455 C "C5'"  . DA  B 2 4  ? -10.578 -4.554  -5.632  1.00 0.00 ? 14 DA  B "C5'"  1 
ATOM   456 C "C4'"  . DA  B 2 4  ? -9.806  -5.001  -4.375  1.00 0.00 ? 14 DA  B "C4'"  1 
ATOM   457 O "O4'"  . DA  B 2 4  ? -8.432  -5.116  -4.616  1.00 0.00 ? 14 DA  B "O4'"  1 
ATOM   458 C "C3'"  . DA  B 2 4  ? -10.098 -3.910  -3.318  1.00 0.00 ? 14 DA  B "C3'"  1 
ATOM   459 O "O3'"  . DA  B 2 4  ? -10.363 -4.510  -2.052  1.00 0.00 ? 14 DA  B "O3'"  1 
ATOM   460 C "C2'"  . DA  B 2 4  ? -8.729  -3.133  -3.411  1.00 0.00 ? 14 DA  B "C2'"  1 
ATOM   461 C "C1'"  . DA  B 2 4  ? -7.824  -4.339  -3.627  1.00 0.00 ? 14 DA  B "C1'"  1 
ATOM   462 N N9     . DA  B 2 4  ? -6.472  -3.963  -4.119  1.00 0.00 ? 14 DA  B N9     1 
ATOM   463 C C8     . DA  B 2 4  ? -6.143  -3.044  -5.087  1.00 0.00 ? 14 DA  B C8     1 
ATOM   464 N N7     . DA  B 2 4  ? -4.863  -3.015  -5.388  1.00 0.00 ? 14 DA  B N7     1 
ATOM   465 C C5     . DA  B 2 4  ? -4.318  -3.977  -4.525  1.00 0.00 ? 14 DA  B C5     1 
ATOM   466 C C6     . DA  B 2 4  ? -3.031  -4.498  -4.287  1.00 0.00 ? 14 DA  B C6     1 
ATOM   467 N N6     . DA  B 2 4  ? -1.951  -4.182  -4.983  1.00 0.00 ? 14 DA  B N6     1 
ATOM   468 N N1     . DA  B 2 4  ? -2.835  -5.432  -3.354  1.00 0.00 ? 14 DA  B N1     1 
ATOM   469 C C2     . DA  B 2 4  ? -3.884  -5.874  -2.662  1.00 0.00 ? 14 DA  B C2     1 
ATOM   470 N N3     . DA  B 2 4  ? -5.139  -5.482  -2.775  1.00 0.00 ? 14 DA  B N3     1 
ATOM   471 C C4     . DA  B 2 4  ? -5.287  -4.530  -3.713  1.00 0.00 ? 14 DA  B C4     1 
ATOM   472 H "H5'"  . DA  B 2 4  ? -10.503 -5.322  -6.402  1.00 0.00 ? 14 DA  B "H5'"  1 
ATOM   473 H "H5''" . DA  B 2 4  ? -11.635 -4.475  -5.375  1.00 0.00 ? 14 DA  B "H5''" 1 
ATOM   474 H "H4'"  . DA  B 2 4  ? -10.188 -5.958  -4.017  1.00 0.00 ? 14 DA  B "H4'"  1 
ATOM   475 H "H3'"  . DA  B 2 4  ? -10.917 -3.254  -3.615  1.00 0.00 ? 14 DA  B "H3'"  1 
ATOM   476 H "H2'"  . DA  B 2 4  ? -8.712  -2.468  -4.274  1.00 0.00 ? 14 DA  B "H2'"  1 
ATOM   477 H "H2''" . DA  B 2 4  ? -8.453  -2.602  -2.500  1.00 0.00 ? 14 DA  B "H2''" 1 
ATOM   478 H "H1'"  . DA  B 2 4  ? -7.763  -4.916  -2.704  1.00 0.00 ? 14 DA  B "H1'"  1 
ATOM   479 H H8     . DA  B 2 4  ? -6.884  -2.427  -5.571  1.00 0.00 ? 14 DA  B H8     1 
ATOM   480 H H61    . DA  B 2 4  ? -2.042  -3.481  -5.705  1.00 0.00 ? 14 DA  B H61    1 
ATOM   481 H H62    . DA  B 2 4  ? -1.082  -4.660  -4.789  1.00 0.00 ? 14 DA  B H62    1 
ATOM   482 H H2     . DA  B 2 4  ? -3.672  -6.629  -1.919  1.00 0.00 ? 14 DA  B H2     1 
ATOM   483 P P      . DA  B 2 5  ? -10.623 -3.658  -0.714  1.00 0.00 ? 15 DA  B P      1 
ATOM   484 O OP1    . DA  B 2 5  ? -11.787 -4.257  -0.024  1.00 0.00 ? 15 DA  B OP1    1 
ATOM   485 O OP2    . DA  B 2 5  ? -10.672 -2.207  -1.025  1.00 0.00 ? 15 DA  B OP2    1 
ATOM   486 O "O5'"  . DA  B 2 5  ? -9.275  -3.947  0.134   1.00 0.00 ? 15 DA  B "O5'"  1 
ATOM   487 C "C5'"  . DA  B 2 5  ? -9.010  -5.237  0.660   1.00 0.00 ? 15 DA  B "C5'"  1 
ATOM   488 C "C4'"  . DA  B 2 5  ? -7.730  -5.386  1.518   1.00 0.00 ? 15 DA  B "C4'"  1 
ATOM   489 O "O4'"  . DA  B 2 5  ? -6.581  -5.115  0.768   1.00 0.00 ? 15 DA  B "O4'"  1 
ATOM   490 C "C3'"  . DA  B 2 5  ? -7.896  -4.367  2.672   1.00 0.00 ? 15 DA  B "C3'"  1 
ATOM   491 O "O3'"  . DA  B 2 5  ? -7.444  -4.942  3.899   1.00 0.00 ? 15 DA  B "O3'"  1 
ATOM   492 C "C2'"  . DA  B 2 5  ? -6.986  -3.229  2.125   1.00 0.00 ? 15 DA  B "C2'"  1 
ATOM   493 C "C1'"  . DA  B 2 5  ? -5.921  -4.058  1.391   1.00 0.00 ? 15 DA  B "C1'"  1 
ATOM   494 N N9     . DA  B 2 5  ? -5.244  -3.316  0.326   1.00 0.00 ? 15 DA  B N9     1 
ATOM   495 C C8     . DA  B 2 5  ? -5.808  -2.531  -0.632  1.00 0.00 ? 15 DA  B C8     1 
ATOM   496 N N7     . DA  B 2 5  ? -4.973  -2.033  -1.521  1.00 0.00 ? 15 DA  B N7     1 
ATOM   497 C C5     . DA  B 2 5  ? -3.724  -2.550  -1.081  1.00 0.00 ? 15 DA  B C5     1 
ATOM   498 C C6     . DA  B 2 5  ? -2.379  -2.436  -1.537  1.00 0.00 ? 15 DA  B C6     1 
ATOM   499 N N6     . DA  B 2 5  ? -2.051  -1.769  -2.631  1.00 0.00 ? 15 DA  B N6     1 
ATOM   500 N N1     . DA  B 2 5  ? -1.373  -3.041  -0.892  1.00 0.00 ? 15 DA  B N1     1 
ATOM   501 C C2     . DA  B 2 5  ? -1.689  -3.726  0.202   1.00 0.00 ? 15 DA  B C2     1 
ATOM   502 N N3     . DA  B 2 5  ? -2.887  -3.916  0.768   1.00 0.00 ? 15 DA  B N3     1 
ATOM   503 C C4     . DA  B 2 5  ? -3.889  -3.303  0.065   1.00 0.00 ? 15 DA  B C4     1 
ATOM   504 H "H5'"  . DA  B 2 5  ? -8.943  -5.943  -0.168  1.00 0.00 ? 15 DA  B "H5'"  1 
ATOM   505 H "H5''" . DA  B 2 5  ? -9.867  -5.550  1.256   1.00 0.00 ? 15 DA  B "H5''" 1 
ATOM   506 H "H4'"  . DA  B 2 5  ? -7.682  -6.399  1.916   1.00 0.00 ? 15 DA  B "H4'"  1 
ATOM   507 H "H3'"  . DA  B 2 5  ? -8.934  -4.055  2.787   1.00 0.00 ? 15 DA  B "H3'"  1 
ATOM   508 H "H2'"  . DA  B 2 5  ? -7.561  -2.571  1.474   1.00 0.00 ? 15 DA  B "H2'"  1 
ATOM   509 H "H2''" . DA  B 2 5  ? -6.567  -2.658  2.954   1.00 0.00 ? 15 DA  B "H2''" 1 
ATOM   510 H "H1'"  . DA  B 2 5  ? -5.199  -4.440  2.111   1.00 0.00 ? 15 DA  B "H1'"  1 
ATOM   511 H H8     . DA  B 2 5  ? -6.871  -2.345  -0.666  1.00 0.00 ? 15 DA  B H8     1 
ATOM   512 H H61    . DA  B 2 5  ? -2.778  -1.301  -3.153  1.00 0.00 ? 15 DA  B H61    1 
ATOM   513 H H62    . DA  B 2 5  ? -1.117  -1.885  -2.997  1.00 0.00 ? 15 DA  B H62    1 
ATOM   514 H H2     . DA  B 2 5  ? -0.869  -4.205  0.718   1.00 0.00 ? 15 DA  B H2     1 
ATOM   515 P P      . DC  B 2 6  ? -7.600  -4.173  5.315   1.00 0.00 ? 16 DC  B P      1 
ATOM   516 O OP1    . DC  B 2 6  ? -7.823  -5.183  6.388   1.00 0.00 ? 16 DC  B OP1    1 
ATOM   517 O OP2    . DC  B 2 6  ? -8.608  -3.084  5.159   1.00 0.00 ? 16 DC  B OP2    1 
ATOM   518 O "O5'"  . DC  B 2 6  ? -6.146  -3.505  5.514   1.00 0.00 ? 16 DC  B "O5'"  1 
ATOM   519 C "C5'"  . DC  B 2 6  ? -4.999  -4.291  5.804   1.00 0.00 ? 16 DC  B "C5'"  1 
ATOM   520 C "C4'"  . DC  B 2 6  ? -3.669  -3.557  5.518   1.00 0.00 ? 16 DC  B "C4'"  1 
ATOM   521 O "O4'"  . DC  B 2 6  ? -3.592  -3.082  4.203   1.00 0.00 ? 16 DC  B "O4'"  1 
ATOM   522 C "C3'"  . DC  B 2 6  ? -3.647  -2.379  6.541   1.00 0.00 ? 16 DC  B "C3'"  1 
ATOM   523 O "O3'"  . DC  B 2 6  ? -2.395  -2.151  7.149   1.00 0.00 ? 16 DC  B "O3'"  1 
ATOM   524 C "C2'"  . DC  B 2 6  ? -3.889  -1.205  5.563   1.00 0.00 ? 16 DC  B "C2'"  1 
ATOM   525 C "C1'"  . DC  B 2 6  ? -3.155  -1.761  4.338   1.00 0.00 ? 16 DC  B "C1'"  1 
ATOM   526 N N1     . DC  B 2 6  ? -3.425  -1.039  3.070   1.00 0.00 ? 16 DC  B N1     1 
ATOM   527 C C2     . DC  B 2 6  ? -2.364  -0.846  2.173   1.00 0.00 ? 16 DC  B C2     1 
ATOM   528 O O2     . DC  B 2 6  ? -1.224  -1.220  2.420   1.00 0.00 ? 16 DC  B O2     1 
ATOM   529 N N3     . DC  B 2 6  ? -2.553  -0.137  1.023   1.00 0.00 ? 16 DC  B N3     1 
ATOM   530 C C4     . DC  B 2 6  ? -3.744  0.317   0.743   1.00 0.00 ? 16 DC  B C4     1 
ATOM   531 N N4     . DC  B 2 6  ? -3.864  1.023   -0.344  1.00 0.00 ? 16 DC  B N4     1 
ATOM   532 C C5     . DC  B 2 6  ? -4.872  0.091   1.584   1.00 0.00 ? 16 DC  B C5     1 
ATOM   533 C C6     . DC  B 2 6  ? -4.675  -0.582  2.752   1.00 0.00 ? 16 DC  B C6     1 
ATOM   534 H "H5'"  . DC  B 2 6  ? -5.031  -5.198  5.201   1.00 0.00 ? 16 DC  B "H5'"  1 
ATOM   535 H "H5''" . DC  B 2 6  ? -5.041  -4.575  6.856   1.00 0.00 ? 16 DC  B "H5''" 1 
ATOM   536 H "H4'"  . DC  B 2 6  ? -2.824  -4.221  5.703   1.00 0.00 ? 16 DC  B "H4'"  1 
ATOM   537 H "H3'"  . DC  B 2 6  ? -4.473  -2.440  7.249   1.00 0.00 ? 16 DC  B "H3'"  1 
ATOM   538 H "H2'"  . DC  B 2 6  ? -4.956  -1.042  5.413   1.00 0.00 ? 16 DC  B "H2'"  1 
ATOM   539 H "H2''" . DC  B 2 6  ? -3.422  -0.297  5.942   1.00 0.00 ? 16 DC  B "H2''" 1 
ATOM   540 H "H1'"  . DC  B 2 6  ? -2.091  -1.755  4.572   1.00 0.00 ? 16 DC  B "H1'"  1 
ATOM   541 H H41    . DC  B 2 6  ? -4.737  1.446   -0.623  1.00 0.00 ? 16 DC  B H41    1 
ATOM   542 H H42    . DC  B 2 6  ? -3.022  1.169   -0.883  1.00 0.00 ? 16 DC  B H42    1 
ATOM   543 H H5     . DC  B 2 6  ? -5.855  0.471   1.348   1.00 0.00 ? 16 DC  B H5     1 
ATOM   544 H H6     . DC  B 2 6  ? -5.473  -0.734  3.464   1.00 0.00 ? 16 DC  B H6     1 
ATOM   545 P P      . DT  B 2 7  ? -1.924  -3.026  8.412   1.00 0.00 ? 17 DT  B P      1 
ATOM   546 O OP1    . DT  B 2 7  ? -2.017  -4.464  8.077   1.00 0.00 ? 17 DT  B OP1    1 
ATOM   547 O OP2    . DT  B 2 7  ? -2.625  -2.514  9.632   1.00 0.00 ? 17 DT  B OP2    1 
ATOM   548 O "O5'"  . DT  B 2 7  ? -0.373  -2.635  8.470   1.00 0.00 ? 17 DT  B "O5'"  1 
ATOM   549 C "C5'"  . DT  B 2 7  ? 0.105   -1.532  9.241   1.00 0.00 ? 17 DT  B "C5'"  1 
ATOM   550 C "C4'"  . DT  B 2 7  ? 1.457   -1.021  8.657   1.00 0.00 ? 17 DT  B "C4'"  1 
ATOM   551 O "O4'"  . DT  B 2 7  ? 1.246   -0.066  7.647   1.00 0.00 ? 17 DT  B "O4'"  1 
ATOM   552 C "C3'"  . DT  B 2 7  ? 2.109   -0.351  9.893   1.00 0.00 ? 17 DT  B "C3'"  1 
ATOM   553 O "O3'"  . DT  B 2 7  ? 3.523   -0.417  9.738   1.00 0.00 ? 17 DT  B "O3'"  1 
ATOM   554 C "C2'"  . DT  B 2 7  ? 1.536   1.069   9.693   1.00 0.00 ? 17 DT  B "C2'"  1 
ATOM   555 C "C1'"  . DT  B 2 7  ? 1.681   1.175   8.163   1.00 0.00 ? 17 DT  B "C1'"  1 
ATOM   556 N N1     . DT  B 2 7  ? 0.932   2.305   7.508   1.00 0.00 ? 17 DT  B N1     1 
ATOM   557 C C2     . DT  B 2 7  ? 1.642   3.135   6.632   1.00 0.00 ? 17 DT  B C2     1 
ATOM   558 O O2     . DT  B 2 7  ? 2.819   2.944   6.304   1.00 0.00 ? 17 DT  B O2     1 
ATOM   559 N N3     . DT  B 2 7  ? 0.999   4.235   6.118   1.00 0.00 ? 17 DT  B N3     1 
ATOM   560 C C4     . DT  B 2 7  ? -0.296  4.602   6.393   1.00 0.00 ? 17 DT  B C4     1 
ATOM   561 O O4     . DT  B 2 7  ? -0.759  5.591   5.826   1.00 0.00 ? 17 DT  B O4     1 
ATOM   562 C C5     . DT  B 2 7  ? -0.980  3.730   7.346   1.00 0.00 ? 17 DT  B C5     1 
ATOM   563 C C7     . DT  B 2 7  ? -2.413  4.023   7.740   1.00 0.00 ? 17 DT  B C7     1 
ATOM   564 C C6     . DT  B 2 7  ? -0.366  2.618   7.842   1.00 0.00 ? 17 DT  B C6     1 
ATOM   565 H "H5'"  . DT  B 2 7  ? 0.242   -1.910  10.254  1.00 0.00 ? 17 DT  B "H5'"  1 
ATOM   566 H "H5''" . DT  B 2 7  ? -0.625  -0.722  9.254   1.00 0.00 ? 17 DT  B "H5''" 1 
ATOM   567 H "H4'"  . DT  B 2 7  ? 2.087   -1.840  8.309   1.00 0.00 ? 17 DT  B "H4'"  1 
ATOM   568 H "H3'"  . DT  B 2 7  ? 1.794   -0.769  10.849  1.00 0.00 ? 17 DT  B "H3'"  1 
ATOM   569 H "H2'"  . DT  B 2 7  ? 0.503   1.121   10.035  1.00 0.00 ? 17 DT  B "H2'"  1 
ATOM   570 H "H2''" . DT  B 2 7  ? 2.147   1.818   10.198  1.00 0.00 ? 17 DT  B "H2''" 1 
ATOM   571 H "H1'"  . DT  B 2 7  ? 2.745   1.294   7.960   1.00 0.00 ? 17 DT  B "H1'"  1 
ATOM   572 H H3     . DT  B 2 7  ? 1.469   4.734   5.376   1.00 0.00 ? 17 DT  B H3     1 
ATOM   573 H H71    . DT  B 2 7  ? -2.963  4.282   6.835   1.00 0.00 ? 17 DT  B H71    1 
ATOM   574 H H72    . DT  B 2 7  ? -2.859  3.164   8.241   1.00 0.00 ? 17 DT  B H72    1 
ATOM   575 H H73    . DT  B 2 7  ? -2.434  4.878   8.415   1.00 0.00 ? 17 DT  B H73    1 
ATOM   576 H H6     . DT  B 2 7  ? -0.912  1.942   8.484   1.00 0.00 ? 17 DT  B H6     1 
ATOM   577 P P      . DT  B 2 8  ? 4.565   -0.038  10.920  1.00 0.00 ? 18 DT  B P      1 
ATOM   578 O OP1    . DT  B 2 8  ? 5.457   -1.214  11.143  1.00 0.00 ? 18 DT  B OP1    1 
ATOM   579 O OP2    . DT  B 2 8  ? 3.803   0.510   12.078  1.00 0.00 ? 18 DT  B OP2    1 
ATOM   580 O "O5'"  . DT  B 2 8  ? 5.416   1.163   10.284  1.00 0.00 ? 18 DT  B "O5'"  1 
ATOM   581 C "C5'"  . DT  B 2 8  ? 6.269   0.957   9.128   1.00 0.00 ? 18 DT  B "C5'"  1 
ATOM   582 C "C4'"  . DT  B 2 8  ? 6.787   2.249   8.482   1.00 0.00 ? 18 DT  B "C4'"  1 
ATOM   583 O "O4'"  . DT  B 2 8  ? 5.744   3.081   7.986   1.00 0.00 ? 18 DT  B "O4'"  1 
ATOM   584 C "C3'"  . DT  B 2 8  ? 7.538   2.979   9.633   1.00 0.00 ? 18 DT  B "C3'"  1 
ATOM   585 O "O3'"  . DT  B 2 8  ? 8.706   3.592   9.107   1.00 0.00 ? 18 DT  B "O3'"  1 
ATOM   586 C "C2'"  . DT  B 2 8  ? 6.450   4.034   10.008  1.00 0.00 ? 18 DT  B "C2'"  1 
ATOM   587 C "C1'"  . DT  B 2 8  ? 5.960   4.335   8.578   1.00 0.00 ? 18 DT  B "C1'"  1 
ATOM   588 N N1     . DT  B 2 8  ? 4.732   5.154   8.545   1.00 0.00 ? 18 DT  B N1     1 
ATOM   589 C C2     . DT  B 2 8  ? 4.758   6.352   7.828   1.00 0.00 ? 18 DT  B C2     1 
ATOM   590 O O2     . DT  B 2 8  ? 5.745   6.761   7.211   1.00 0.00 ? 18 DT  B O2     1 
ATOM   591 N N3     . DT  B 2 8  ? 3.602   7.106   7.836   1.00 0.00 ? 18 DT  B N3     1 
ATOM   592 C C4     . DT  B 2 8  ? 2.448   6.804   8.498   1.00 0.00 ? 18 DT  B C4     1 
ATOM   593 O O4     . DT  B 2 8  ? 1.491   7.565   8.395   1.00 0.00 ? 18 DT  B O4     1 
ATOM   594 C C5     . DT  B 2 8  ? 2.485   5.546   9.255   1.00 0.00 ? 18 DT  B C5     1 
ATOM   595 C C7     . DT  B 2 8  ? 1.281   5.087   10.061  1.00 0.00 ? 18 DT  B C7     1 
ATOM   596 C C6     . DT  B 2 8  ? 3.600   4.770   9.248   1.00 0.00 ? 18 DT  B C6     1 
ATOM   597 H "H5'"  . DT  B 2 8  ? 5.676   0.441   8.373   1.00 0.00 ? 18 DT  B "H5'"  1 
ATOM   598 H "H5''" . DT  B 2 8  ? 7.111   0.321   9.402   1.00 0.00 ? 18 DT  B "H5''" 1 
ATOM   599 H "H4'"  . DT  B 2 8  ? 7.474   1.984   7.679   1.00 0.00 ? 18 DT  B "H4'"  1 
ATOM   600 H "H3'"  . DT  B 2 8  ? 7.776   2.317   10.465  1.00 0.00 ? 18 DT  B "H3'"  1 
ATOM   601 H "H2'"  . DT  B 2 8  ? 5.660   3.605   10.623  1.00 0.00 ? 18 DT  B "H2'"  1 
ATOM   602 H "H2''" . DT  B 2 8  ? 6.872   4.907   10.505  1.00 0.00 ? 18 DT  B "H2''" 1 
ATOM   603 H "H1'"  . DT  B 2 8  ? 6.762   4.832   8.033   1.00 0.00 ? 18 DT  B "H1'"  1 
ATOM   604 H H3     . DT  B 2 8  ? 3.585   7.930   7.252   1.00 0.00 ? 18 DT  B H3     1 
ATOM   605 H H71    . DT  B 2 8  ? 0.389   5.132   9.437   1.00 0.00 ? 18 DT  B H71    1 
ATOM   606 H H72    . DT  B 2 8  ? 1.108   5.769   10.894  1.00 0.00 ? 18 DT  B H72    1 
ATOM   607 H H73    . DT  B 2 8  ? 1.400   4.079   10.458  1.00 0.00 ? 18 DT  B H73    1 
ATOM   608 H H6     . DT  B 2 8  ? 3.614   3.834   9.785   1.00 0.00 ? 18 DT  B H6     1 
ATOM   609 P P      . DA  B 2 9  ? 9.902   4.208   9.995   1.00 0.00 ? 19 DA  B P      1 
ATOM   610 O OP1    . DA  B 2 9  ? 11.081  3.308   9.877   1.00 0.00 ? 19 DA  B OP1    1 
ATOM   611 O OP2    . DA  B 2 9  ? 9.394   4.578   11.353  1.00 0.00 ? 19 DA  B OP2    1 
ATOM   612 O "O5'"  . DA  B 2 9  ? 10.216  5.564   9.190   1.00 0.00 ? 19 DA  B "O5'"  1 
ATOM   613 C "C5'"  . DA  B 2 9  ? 10.799  5.536   7.895   1.00 0.00 ? 19 DA  B "C5'"  1 
ATOM   614 C "C4'"  . DA  B 2 9  ? 10.713  6.850   7.085   1.00 0.00 ? 19 DA  B "C4'"  1 
ATOM   615 O "O4'"  . DA  B 2 9  ? 9.404   7.397   7.070   1.00 0.00 ? 19 DA  B "O4'"  1 
ATOM   616 C "C3'"  . DA  B 2 9  ? 11.705  7.819   7.782   1.00 0.00 ? 19 DA  B "C3'"  1 
ATOM   617 O "O3'"  . DA  B 2 9  ? 12.324  8.658   6.805   1.00 0.00 ? 19 DA  B "O3'"  1 
ATOM   618 C "C2'"  . DA  B 2 9  ? 10.715  8.545   8.727   1.00 0.00 ? 19 DA  B "C2'"  1 
ATOM   619 C "C1'"  . DA  B 2 9  ? 9.490   8.600   7.796   1.00 0.00 ? 19 DA  B "C1'"  1 
ATOM   620 N N9     . DA  B 2 9  ? 8.252   8.779   8.567   1.00 0.00 ? 19 DA  B N9     1 
ATOM   621 C C8     . DA  B 2 9  ? 7.892   8.195   9.757   1.00 0.00 ? 19 DA  B C8     1 
ATOM   622 N N7     . DA  B 2 9  ? 6.665   8.460   10.142  1.00 0.00 ? 19 DA  B N7     1 
ATOM   623 C C5     . DA  B 2 9  ? 6.217   9.336   9.150   1.00 0.00 ? 19 DA  B C5     1 
ATOM   624 C C6     . DA  B 2 9  ? 5.004   10.048  8.879   1.00 0.00 ? 19 DA  B C6     1 
ATOM   625 N N6     . DA  B 2 9  ? 3.890   9.972   9.607   1.00 0.00 ? 19 DA  B N6     1 
ATOM   626 N N1     . DA  B 2 9  ? 4.877   10.842  7.818   1.00 0.00 ? 19 DA  B N1     1 
ATOM   627 C C2     . DA  B 2 9  ? 5.896   10.930  6.981   1.00 0.00 ? 19 DA  B C2     1 
ATOM   628 N N3     . DA  B 2 9  ? 7.059   10.306  7.064   1.00 0.00 ? 19 DA  B N3     1 
ATOM   629 C C4     . DA  B 2 9  ? 7.161   9.527   8.178   1.00 0.00 ? 19 DA  B C4     1 
ATOM   630 H "H5'"  . DA  B 2 9  ? 10.282  4.797   7.282   1.00 0.00 ? 19 DA  B "H5'"  1 
ATOM   631 H "H5''" . DA  B 2 9  ? 11.840  5.226   7.979   1.00 0.00 ? 19 DA  B "H5''" 1 
ATOM   632 H "H4'"  . DA  B 2 9  ? 11.064  6.645   6.074   1.00 0.00 ? 19 DA  B "H4'"  1 
ATOM   633 H "H3'"  . DA  B 2 9  ? 12.468  7.302   8.366   1.00 0.00 ? 19 DA  B "H3'"  1 
ATOM   634 H "H2'"  . DA  B 2 9  ? 10.538  7.985   9.645   1.00 0.00 ? 19 DA  B "H2'"  1 
ATOM   635 H "H2''" . DA  B 2 9  ? 11.019  9.561   8.981   1.00 0.00 ? 19 DA  B "H2''" 1 
ATOM   636 H "H1'"  . DA  B 2 9  ? 9.637   9.437   7.111   1.00 0.00 ? 19 DA  B "H1'"  1 
ATOM   637 H H8     . DA  B 2 9  ? 8.536   7.538   10.321  1.00 0.00 ? 19 DA  B H8     1 
ATOM   638 H H61    . DA  B 2 9  ? 3.845   9.387   10.429  1.00 0.00 ? 19 DA  B H61    1 
ATOM   639 H H62    . DA  B 2 9  ? 3.067   10.451  9.274   1.00 0.00 ? 19 DA  B H62    1 
ATOM   640 H H2     . DA  B 2 9  ? 5.779   11.562  6.114   1.00 0.00 ? 19 DA  B H2     1 
ATOM   641 P P      . DG  B 2 10 ? 13.367  9.818   7.166   1.00 0.00 ? 20 DG  B P      1 
ATOM   642 O OP1    . DG  B 2 10 ? 14.386  9.871   6.087   1.00 0.00 ? 20 DG  B OP1    1 
ATOM   643 O OP2    . DG  B 2 10 ? 13.817  9.686   8.591   1.00 0.00 ? 20 DG  B OP2    1 
ATOM   644 O "O5'"  . DG  B 2 10 ? 12.442  11.114  7.082   1.00 0.00 ? 20 DG  B "O5'"  1 
ATOM   645 C "C5'"  . DG  B 2 10 ? 12.025  11.605  5.807   1.00 0.00 ? 20 DG  B "C5'"  1 
ATOM   646 C "C4'"  . DG  B 2 10 ? 11.018  12.790  5.872   1.00 0.00 ? 20 DG  B "C4'"  1 
ATOM   647 O "O4'"  . DG  B 2 10 ? 9.838   12.436  6.564   1.00 0.00 ? 20 DG  B "O4'"  1 
ATOM   648 C "C3'"  . DG  B 2 10 ? 11.801  13.898  6.647   1.00 0.00 ? 20 DG  B "C3'"  1 
ATOM   649 O "O3'"  . DG  B 2 10 ? 11.656  15.193  6.072   1.00 0.00 ? 20 DG  B "O3'"  1 
ATOM   650 C "C2'"  . DG  B 2 10 ? 11.071  13.805  8.001   1.00 0.00 ? 20 DG  B "C2'"  1 
ATOM   651 C "C1'"  . DG  B 2 10 ? 9.675   13.509  7.470   1.00 0.00 ? 20 DG  B "C1'"  1 
ATOM   652 N N9     . DG  B 2 10 ? 8.697   13.148  8.526   1.00 0.00 ? 20 DG  B N9     1 
ATOM   653 C C8     . DG  B 2 10 ? 8.875   12.350  9.623   1.00 0.00 ? 20 DG  B C8     1 
ATOM   654 N N7     . DG  B 2 10 ? 7.822   12.217  10.381  1.00 0.00 ? 20 DG  B N7     1 
ATOM   655 C C5     . DG  B 2 10 ? 6.847   13.003  9.730   1.00 0.00 ? 20 DG  B C5     1 
ATOM   656 C C6     . DG  B 2 10 ? 5.466   13.278  10.041  1.00 0.00 ? 20 DG  B C6     1 
ATOM   657 O O6     . DG  B 2 10 ? 4.807   12.893  11.011  1.00 0.00 ? 20 DG  B O6     1 
ATOM   658 N N1     . DG  B 2 10 ? 4.849   14.095  9.125   1.00 0.00 ? 20 DG  B N1     1 
ATOM   659 C C2     . DG  B 2 10 ? 5.462   14.601  8.028   1.00 0.00 ? 20 DG  B C2     1 
ATOM   660 N N2     . DG  B 2 10 ? 4.737   15.387  7.278   1.00 0.00 ? 20 DG  B N2     1 
ATOM   661 N N3     . DG  B 2 10 ? 6.743   14.388  7.701   1.00 0.00 ? 20 DG  B N3     1 
ATOM   662 C C4     . DG  B 2 10 ? 7.388   13.584  8.594   1.00 0.00 ? 20 DG  B C4     1 
ATOM   663 H "H5'"  . DG  B 2 10 ? 11.565  10.787  5.252   1.00 0.00 ? 20 DG  B "H5'"  1 
ATOM   664 H "H5''" . DG  B 2 10 ? 12.893  11.913  5.224   1.00 0.00 ? 20 DG  B "H5''" 1 
ATOM   665 H "H4'"  . DG  B 2 10 ? 10.776  13.139  4.869   1.00 0.00 ? 20 DG  B "H4'"  1 
ATOM   666 H "H3'"  . DG  B 2 10 ? 12.860  13.655  6.738   1.00 0.00 ? 20 DG  B "H3'"  1 
ATOM   667 H "HO3'" . DG  B 2 10 ? 12.260  15.285  5.331   1.00 0.00 ? 20 DG  B "HO3'" 1 
ATOM   668 H "H2'"  . DG  B 2 10 ? 11.439  12.989  8.625   1.00 0.00 ? 20 DG  B "H2'"  1 
ATOM   669 H "H2''" . DG  B 2 10 ? 11.115  14.756  8.533   1.00 0.00 ? 20 DG  B "H2''" 1 
ATOM   670 H "H1'"  . DG  B 2 10 ? 9.298   14.381  6.933   1.00 0.00 ? 20 DG  B "H1'"  1 
ATOM   671 H H8     . DG  B 2 10 ? 9.804   11.833  9.812   1.00 0.00 ? 20 DG  B H8     1 
ATOM   672 H H1     . DG  B 2 10 ? 3.875   14.297  9.298   1.00 0.00 ? 20 DG  B H1     1 
ATOM   673 H H21    . DG  B 2 10 ? 5.151   15.782  6.445   1.00 0.00 ? 20 DG  B H21    1 
ATOM   674 H H22    . DG  B 2 10 ? 3.770   15.547  7.521   1.00 0.00 ? 20 DG  B H22    1 
# 
